data_1BBA
# 
_entry.id   1BBA 
# 
_audit_conform.dict_name       mmcif_pdbx.dic 
_audit_conform.dict_version    5.392 
_audit_conform.dict_location   http://mmcif.pdb.org/dictionaries/ascii/mmcif_pdbx.dic 
# 
loop_
_database_2.database_id 
_database_2.database_code 
_database_2.pdbx_database_accession 
_database_2.pdbx_DOI 
PDB   1BBA         pdb_00001bba 10.2210/pdb1bba/pdb 
WWPDB D_1000171553 ?            ?                   
# 
loop_
_pdbx_audit_revision_history.ordinal 
_pdbx_audit_revision_history.data_content_type 
_pdbx_audit_revision_history.major_revision 
_pdbx_audit_revision_history.minor_revision 
_pdbx_audit_revision_history.revision_date 
1 'Structure model' 1 0 1993-10-31 
2 'Structure model' 1 1 2008-03-24 
3 'Structure model' 1 2 2011-07-13 
4 'Structure model' 1 3 2022-02-16 
5 'Structure model' 1 4 2024-05-22 
# 
_pdbx_audit_revision_details.ordinal             1 
_pdbx_audit_revision_details.revision_ordinal    1 
_pdbx_audit_revision_details.data_content_type   'Structure model' 
_pdbx_audit_revision_details.provider            repository 
_pdbx_audit_revision_details.type                'Initial release' 
_pdbx_audit_revision_details.description         ? 
_pdbx_audit_revision_details.details             ? 
# 
loop_
_pdbx_audit_revision_group.ordinal 
_pdbx_audit_revision_group.revision_ordinal 
_pdbx_audit_revision_group.data_content_type 
_pdbx_audit_revision_group.group 
1 2 'Structure model' 'Version format compliance' 
2 3 'Structure model' 'Version format compliance' 
3 4 'Structure model' 'Database references'       
4 4 'Structure model' 'Derived calculations'      
5 4 'Structure model' Other                       
6 5 'Structure model' 'Data collection'           
# 
loop_
_pdbx_audit_revision_category.ordinal 
_pdbx_audit_revision_category.revision_ordinal 
_pdbx_audit_revision_category.data_content_type 
_pdbx_audit_revision_category.category 
1 4 'Structure model' database_2            
2 4 'Structure model' pdbx_database_status  
3 4 'Structure model' pdbx_struct_assembly  
4 4 'Structure model' pdbx_struct_oper_list 
5 5 'Structure model' chem_comp_atom        
6 5 'Structure model' chem_comp_bond        
# 
loop_
_pdbx_audit_revision_item.ordinal 
_pdbx_audit_revision_item.revision_ordinal 
_pdbx_audit_revision_item.data_content_type 
_pdbx_audit_revision_item.item 
1 4 'Structure model' '_database_2.pdbx_DOI'                
2 4 'Structure model' '_database_2.pdbx_database_accession' 
3 4 'Structure model' '_pdbx_database_status.process_site'  
# 
_pdbx_database_status.status_code                     REL 
_pdbx_database_status.entry_id                        1BBA 
_pdbx_database_status.recvd_initial_deposition_date   1992-03-10 
_pdbx_database_status.deposit_site                    ? 
_pdbx_database_status.process_site                    BNL 
_pdbx_database_status.SG_entry                        . 
_pdbx_database_status.pdb_format_compatible           Y 
_pdbx_database_status.status_code_mr                  ? 
_pdbx_database_status.status_code_sf                  ? 
_pdbx_database_status.status_code_cs                  ? 
_pdbx_database_status.status_code_nmr_data            ? 
_pdbx_database_status.methods_development_category    ? 
# 
loop_
_audit_author.name 
_audit_author.pdbx_ordinal 
'Li, X.'          1 
'Sutcliffe, M.J.' 2 
'Schwartz, T.W.'  3 
'Dobson, C.M.'    4 
# 
_citation.id                        primary 
_citation.title                     'Sequence-specific 1H NMR assignments and solution structure of bovine pancreatic polypeptide.' 
_citation.journal_abbrev            Biochemistry 
_citation.journal_volume            31 
_citation.page_first                1245 
_citation.page_last                 1253 
_citation.year                      1992 
_citation.journal_id_ASTM           BICHAW 
_citation.country                   US 
_citation.journal_id_ISSN           0006-2960 
_citation.journal_id_CSD            0033 
_citation.book_publisher            ? 
_citation.pdbx_database_id_PubMed   1734969 
_citation.pdbx_database_id_DOI      10.1021/bi00119a038 
# 
loop_
_citation_author.citation_id 
_citation_author.name 
_citation_author.ordinal 
_citation_author.identifier_ORCID 
primary 'Li, X.A.'        1 ? 
primary 'Sutcliffe, M.J.' 2 ? 
primary 'Schwartz, T.W.'  3 ? 
primary 'Dobson, C.M.'    4 ? 
# 
_entity.id                         1 
_entity.type                       polymer 
_entity.src_method                 man 
_entity.pdbx_description           'BOVINE PANCREATIC POLYPEPTIDE' 
_entity.formula_weight             4230.737 
_entity.pdbx_number_of_molecules   1 
_entity.pdbx_ec                    ? 
_entity.pdbx_mutation              ? 
_entity.pdbx_fragment              ? 
_entity.details                    ? 
# 
_entity_poly.entity_id                      1 
_entity_poly.type                           'polypeptide(L)' 
_entity_poly.nstd_linkage                   no 
_entity_poly.nstd_monomer                   no 
_entity_poly.pdbx_seq_one_letter_code       APLEPEYPGDNATPEQMAQYAAELRRYINMLTRPRY 
_entity_poly.pdbx_seq_one_letter_code_can   APLEPEYPGDNATPEQMAQYAAELRRYINMLTRPRY 
_entity_poly.pdbx_strand_id                 A 
_entity_poly.pdbx_target_identifier         ? 
# 
loop_
_entity_poly_seq.entity_id 
_entity_poly_seq.num 
_entity_poly_seq.mon_id 
_entity_poly_seq.hetero 
1 1  ALA n 
1 2  PRO n 
1 3  LEU n 
1 4  GLU n 
1 5  PRO n 
1 6  GLU n 
1 7  TYR n 
1 8  PRO n 
1 9  GLY n 
1 10 ASP n 
1 11 ASN n 
1 12 ALA n 
1 13 THR n 
1 14 PRO n 
1 15 GLU n 
1 16 GLN n 
1 17 MET n 
1 18 ALA n 
1 19 GLN n 
1 20 TYR n 
1 21 ALA n 
1 22 ALA n 
1 23 GLU n 
1 24 LEU n 
1 25 ARG n 
1 26 ARG n 
1 27 TYR n 
1 28 ILE n 
1 29 ASN n 
1 30 MET n 
1 31 LEU n 
1 32 THR n 
1 33 ARG n 
1 34 PRO n 
1 35 ARG n 
1 36 TYR n 
# 
_entity_src_gen.entity_id                          1 
_entity_src_gen.pdbx_src_id                        1 
_entity_src_gen.pdbx_alt_source_flag               sample 
_entity_src_gen.pdbx_seq_type                      ? 
_entity_src_gen.pdbx_beg_seq_num                   ? 
_entity_src_gen.pdbx_end_seq_num                   ? 
_entity_src_gen.gene_src_common_name               cattle 
_entity_src_gen.gene_src_genus                     Bos 
_entity_src_gen.pdbx_gene_src_gene                 ? 
_entity_src_gen.gene_src_species                   ? 
_entity_src_gen.gene_src_strain                    ? 
_entity_src_gen.gene_src_tissue                    ? 
_entity_src_gen.gene_src_tissue_fraction           ? 
_entity_src_gen.gene_src_details                   ? 
_entity_src_gen.pdbx_gene_src_fragment             ? 
_entity_src_gen.pdbx_gene_src_scientific_name      'Bos taurus' 
_entity_src_gen.pdbx_gene_src_ncbi_taxonomy_id     9913 
_entity_src_gen.pdbx_gene_src_variant              ? 
_entity_src_gen.pdbx_gene_src_cell_line            ? 
_entity_src_gen.pdbx_gene_src_atcc                 ? 
_entity_src_gen.pdbx_gene_src_organ                ? 
_entity_src_gen.pdbx_gene_src_organelle            ? 
_entity_src_gen.pdbx_gene_src_cell                 ? 
_entity_src_gen.pdbx_gene_src_cellular_location    ? 
_entity_src_gen.host_org_common_name               ? 
_entity_src_gen.pdbx_host_org_scientific_name      ? 
_entity_src_gen.pdbx_host_org_ncbi_taxonomy_id     ? 
_entity_src_gen.host_org_genus                     ? 
_entity_src_gen.pdbx_host_org_gene                 ? 
_entity_src_gen.pdbx_host_org_organ                ? 
_entity_src_gen.host_org_species                   ? 
_entity_src_gen.pdbx_host_org_tissue               ? 
_entity_src_gen.pdbx_host_org_tissue_fraction      ? 
_entity_src_gen.pdbx_host_org_strain               ? 
_entity_src_gen.pdbx_host_org_variant              ? 
_entity_src_gen.pdbx_host_org_cell_line            ? 
_entity_src_gen.pdbx_host_org_atcc                 ? 
_entity_src_gen.pdbx_host_org_culture_collection   ? 
_entity_src_gen.pdbx_host_org_cell                 ? 
_entity_src_gen.pdbx_host_org_organelle            ? 
_entity_src_gen.pdbx_host_org_cellular_location    ? 
_entity_src_gen.pdbx_host_org_vector_type          ? 
_entity_src_gen.pdbx_host_org_vector               ? 
_entity_src_gen.host_org_details                   ? 
_entity_src_gen.expression_system_id               ? 
_entity_src_gen.plasmid_name                       ? 
_entity_src_gen.plasmid_details                    ? 
_entity_src_gen.pdbx_description                   ? 
# 
loop_
_chem_comp.id 
_chem_comp.type 
_chem_comp.mon_nstd_flag 
_chem_comp.name 
_chem_comp.pdbx_synonyms 
_chem_comp.formula 
_chem_comp.formula_weight 
ALA 'L-peptide linking' y ALANINE         ? 'C3 H7 N O2'     89.093  
ARG 'L-peptide linking' y ARGININE        ? 'C6 H15 N4 O2 1' 175.209 
ASN 'L-peptide linking' y ASPARAGINE      ? 'C4 H8 N2 O3'    132.118 
ASP 'L-peptide linking' y 'ASPARTIC ACID' ? 'C4 H7 N O4'     133.103 
GLN 'L-peptide linking' y GLUTAMINE       ? 'C5 H10 N2 O3'   146.144 
GLU 'L-peptide linking' y 'GLUTAMIC ACID' ? 'C5 H9 N O4'     147.129 
GLY 'peptide linking'   y GLYCINE         ? 'C2 H5 N O2'     75.067  
ILE 'L-peptide linking' y ISOLEUCINE      ? 'C6 H13 N O2'    131.173 
LEU 'L-peptide linking' y LEUCINE         ? 'C6 H13 N O2'    131.173 
MET 'L-peptide linking' y METHIONINE      ? 'C5 H11 N O2 S'  149.211 
PRO 'L-peptide linking' y PROLINE         ? 'C5 H9 N O2'     115.130 
THR 'L-peptide linking' y THREONINE       ? 'C4 H9 N O3'     119.119 
TYR 'L-peptide linking' y TYROSINE        ? 'C9 H11 N O3'    181.189 
# 
loop_
_pdbx_poly_seq_scheme.asym_id 
_pdbx_poly_seq_scheme.entity_id 
_pdbx_poly_seq_scheme.seq_id 
_pdbx_poly_seq_scheme.mon_id 
_pdbx_poly_seq_scheme.ndb_seq_num 
_pdbx_poly_seq_scheme.pdb_seq_num 
_pdbx_poly_seq_scheme.auth_seq_num 
_pdbx_poly_seq_scheme.pdb_mon_id 
_pdbx_poly_seq_scheme.auth_mon_id 
_pdbx_poly_seq_scheme.pdb_strand_id 
_pdbx_poly_seq_scheme.pdb_ins_code 
_pdbx_poly_seq_scheme.hetero 
A 1 1  ALA 1  1  1  ALA ALA A . n 
A 1 2  PRO 2  2  2  PRO PRO A . n 
A 1 3  LEU 3  3  3  LEU LEU A . n 
A 1 4  GLU 4  4  4  GLU GLU A . n 
A 1 5  PRO 5  5  5  PRO PRO A . n 
A 1 6  GLU 6  6  6  GLU GLU A . n 
A 1 7  TYR 7  7  7  TYR TYR A . n 
A 1 8  PRO 8  8  8  PRO PRO A . n 
A 1 9  GLY 9  9  9  GLY GLY A . n 
A 1 10 ASP 10 10 10 ASP ASP A . n 
A 1 11 ASN 11 11 11 ASN ASN A . n 
A 1 12 ALA 12 12 12 ALA ALA A . n 
A 1 13 THR 13 13 13 THR THR A . n 
A 1 14 PRO 14 14 14 PRO PRO A . n 
A 1 15 GLU 15 15 15 GLU GLU A . n 
A 1 16 GLN 16 16 16 GLN GLN A . n 
A 1 17 MET 17 17 17 MET MET A . n 
A 1 18 ALA 18 18 18 ALA ALA A . n 
A 1 19 GLN 19 19 19 GLN GLN A . n 
A 1 20 TYR 20 20 20 TYR TYR A . n 
A 1 21 ALA 21 21 21 ALA ALA A . n 
A 1 22 ALA 22 22 22 ALA ALA A . n 
A 1 23 GLU 23 23 23 GLU GLU A . n 
A 1 24 LEU 24 24 24 LEU LEU A . n 
A 1 25 ARG 25 25 25 ARG ARG A . n 
A 1 26 ARG 26 26 26 ARG ARG A . n 
A 1 27 TYR 27 27 27 TYR TYR A . n 
A 1 28 ILE 28 28 28 ILE ILE A . n 
A 1 29 ASN 29 29 29 ASN ASN A . n 
A 1 30 MET 30 30 30 MET MET A . n 
A 1 31 LEU 31 31 31 LEU LEU A . n 
A 1 32 THR 32 32 32 THR THR A . n 
A 1 33 ARG 33 33 33 ARG ARG A . n 
A 1 34 PRO 34 34 34 PRO PRO A . n 
A 1 35 ARG 35 35 35 ARG ARG A . n 
A 1 36 TYR 36 36 36 TYR TYR A . n 
# 
loop_
_software.name 
_software.classification 
_software.version 
_software.citation_id 
_software.pdbx_ordinal 
X-PLOR 'model building' . ? 1 
X-PLOR refinement       . ? 2 
X-PLOR phasing          . ? 3 
# 
_cell.entry_id           1BBA 
_cell.length_a           1.000 
_cell.length_b           1.000 
_cell.length_c           1.000 
_cell.angle_alpha        90.00 
_cell.angle_beta         90.00 
_cell.angle_gamma        90.00 
_cell.Z_PDB              1 
_cell.pdbx_unique_axis   ? 
# 
_symmetry.entry_id                         1BBA 
_symmetry.space_group_name_H-M             'P 1' 
_symmetry.pdbx_full_space_group_name_H-M   ? 
_symmetry.cell_setting                     ? 
_symmetry.Int_Tables_number                1 
# 
_exptl.entry_id          1BBA 
_exptl.method            'SOLUTION NMR' 
_exptl.crystals_number   ? 
# 
_struct.entry_id                  1BBA 
_struct.title                     'SEQUENCE-SPECIFIC 1H NMR ASSIGNMENTS AND SOLUTION STRUCTURE OF BOVINE PANCREATIC POLYPEPTIDE' 
_struct.pdbx_model_details        ? 
_struct.pdbx_CASP_flag            ? 
_struct.pdbx_model_type_details   ? 
# 
_struct_keywords.entry_id        1BBA 
_struct_keywords.pdbx_keywords   'PANCREATIC HORMONE' 
_struct_keywords.text            'PANCREATIC HORMONE' 
# 
_struct_asym.id                            A 
_struct_asym.pdbx_blank_PDB_chainid_flag   Y 
_struct_asym.pdbx_modified                 N 
_struct_asym.entity_id                     1 
_struct_asym.details                       ? 
# 
_struct_ref.id                         1 
_struct_ref.db_name                    UNP 
_struct_ref.db_code                    PAHO_BOVIN 
_struct_ref.entity_id                  1 
_struct_ref.pdbx_db_accession          P01302 
_struct_ref.pdbx_align_begin           1 
_struct_ref.pdbx_seq_one_letter_code   
;MAAAHRCLFLLLLSTCVALLLQPPLGALGAPLEPEYPGDNATPEQMAQYAAELRRYINMLTRPRYGKRDKEGTLDFLECG
SPHSAVPRYGKRDKEGTLDFLECGSPHSAVPRWVFSLSCVPRCLGQENGGV
;
_struct_ref.pdbx_db_isoform            ? 
# 
_struct_ref_seq.align_id                      1 
_struct_ref_seq.ref_id                        1 
_struct_ref_seq.pdbx_PDB_id_code              1BBA 
_struct_ref_seq.pdbx_strand_id                A 
_struct_ref_seq.seq_align_beg                 1 
_struct_ref_seq.pdbx_seq_align_beg_ins_code   ? 
_struct_ref_seq.seq_align_end                 36 
_struct_ref_seq.pdbx_seq_align_end_ins_code   ? 
_struct_ref_seq.pdbx_db_accession             P01302 
_struct_ref_seq.db_align_beg                  30 
_struct_ref_seq.pdbx_db_align_beg_ins_code    ? 
_struct_ref_seq.db_align_end                  65 
_struct_ref_seq.pdbx_db_align_end_ins_code    ? 
_struct_ref_seq.pdbx_auth_seq_align_beg       1 
_struct_ref_seq.pdbx_auth_seq_align_end       36 
# 
_pdbx_struct_assembly.id                   1 
_pdbx_struct_assembly.details              author_defined_assembly 
_pdbx_struct_assembly.method_details       ? 
_pdbx_struct_assembly.oligomeric_details   monomeric 
_pdbx_struct_assembly.oligomeric_count     1 
# 
_pdbx_struct_assembly_gen.assembly_id       1 
_pdbx_struct_assembly_gen.oper_expression   1 
_pdbx_struct_assembly_gen.asym_id_list      A 
# 
_pdbx_struct_oper_list.id                   1 
_pdbx_struct_oper_list.type                 'identity operation' 
_pdbx_struct_oper_list.name                 1_555 
_pdbx_struct_oper_list.symmetry_operation   x,y,z 
_pdbx_struct_oper_list.matrix[1][1]         1.0000000000 
_pdbx_struct_oper_list.matrix[1][2]         0.0000000000 
_pdbx_struct_oper_list.matrix[1][3]         0.0000000000 
_pdbx_struct_oper_list.vector[1]            0.0000000000 
_pdbx_struct_oper_list.matrix[2][1]         0.0000000000 
_pdbx_struct_oper_list.matrix[2][2]         1.0000000000 
_pdbx_struct_oper_list.matrix[2][3]         0.0000000000 
_pdbx_struct_oper_list.vector[2]            0.0000000000 
_pdbx_struct_oper_list.matrix[3][1]         0.0000000000 
_pdbx_struct_oper_list.matrix[3][2]         0.0000000000 
_pdbx_struct_oper_list.matrix[3][3]         1.0000000000 
_pdbx_struct_oper_list.vector[3]            0.0000000000 
# 
_struct_biol.id   1 
# 
_struct_conf.conf_type_id            HELX_P 
_struct_conf.id                      HELX_P1 
_struct_conf.pdbx_PDB_helix_id       H1 
_struct_conf.beg_label_comp_id       GLU 
_struct_conf.beg_label_asym_id       A 
_struct_conf.beg_label_seq_id        15 
_struct_conf.pdbx_beg_PDB_ins_code   ? 
_struct_conf.end_label_comp_id       THR 
_struct_conf.end_label_asym_id       A 
_struct_conf.end_label_seq_id        32 
_struct_conf.pdbx_end_PDB_ins_code   ? 
_struct_conf.beg_auth_comp_id        GLU 
_struct_conf.beg_auth_asym_id        A 
_struct_conf.beg_auth_seq_id         15 
_struct_conf.end_auth_comp_id        THR 
_struct_conf.end_auth_asym_id        A 
_struct_conf.end_auth_seq_id         32 
_struct_conf.pdbx_PDB_helix_class    1 
_struct_conf.details                 ? 
_struct_conf.pdbx_PDB_helix_length   18 
# 
_struct_conf_type.id          HELX_P 
_struct_conf_type.criteria    ? 
_struct_conf_type.reference   ? 
# 
loop_
_pdbx_validate_close_contact.id 
_pdbx_validate_close_contact.PDB_model_num 
_pdbx_validate_close_contact.auth_atom_id_1 
_pdbx_validate_close_contact.auth_asym_id_1 
_pdbx_validate_close_contact.auth_comp_id_1 
_pdbx_validate_close_contact.auth_seq_id_1 
_pdbx_validate_close_contact.PDB_ins_code_1 
_pdbx_validate_close_contact.label_alt_id_1 
_pdbx_validate_close_contact.auth_atom_id_2 
_pdbx_validate_close_contact.auth_asym_id_2 
_pdbx_validate_close_contact.auth_comp_id_2 
_pdbx_validate_close_contact.auth_seq_id_2 
_pdbx_validate_close_contact.PDB_ins_code_2 
_pdbx_validate_close_contact.label_alt_id_2 
_pdbx_validate_close_contact.dist 
1 1 C    A ARG 35 ? ? H  A TYR 36 ? ? 0.79 
2 1 HH22 A ARG 35 ? ? HH A TYR 36 ? ? 1.24 
3 1 CA   A PRO 34 ? ? N  A ARG 35 ? ? 1.77 
# 
loop_
_pdbx_validate_rmsd_bond.id 
_pdbx_validate_rmsd_bond.PDB_model_num 
_pdbx_validate_rmsd_bond.auth_atom_id_1 
_pdbx_validate_rmsd_bond.auth_asym_id_1 
_pdbx_validate_rmsd_bond.auth_comp_id_1 
_pdbx_validate_rmsd_bond.auth_seq_id_1 
_pdbx_validate_rmsd_bond.PDB_ins_code_1 
_pdbx_validate_rmsd_bond.label_alt_id_1 
_pdbx_validate_rmsd_bond.auth_atom_id_2 
_pdbx_validate_rmsd_bond.auth_asym_id_2 
_pdbx_validate_rmsd_bond.auth_comp_id_2 
_pdbx_validate_rmsd_bond.auth_seq_id_2 
_pdbx_validate_rmsd_bond.PDB_ins_code_2 
_pdbx_validate_rmsd_bond.label_alt_id_2 
_pdbx_validate_rmsd_bond.bond_value 
_pdbx_validate_rmsd_bond.bond_target_value 
_pdbx_validate_rmsd_bond.bond_deviation 
_pdbx_validate_rmsd_bond.bond_standard_deviation 
_pdbx_validate_rmsd_bond.linker_flag 
1  1 CA  A ALA 1  ? ? C   A ALA 1  ? ? 1.685 1.525 0.160  0.026 N 
2  1 CA  A PRO 2  ? ? CB  A PRO 2  ? ? 1.356 1.531 -0.175 0.020 N 
3  1 CA  A LEU 3  ? ? CB  A LEU 3  ? ? 1.196 1.533 -0.337 0.023 N 
4  1 N   A GLU 4  ? ? CA  A GLU 4  ? ? 1.192 1.459 -0.267 0.020 N 
5  1 CB  A GLU 4  ? ? CG  A GLU 4  ? ? 1.671 1.517 0.154  0.019 N 
6  1 CG  A GLU 4  ? ? CD  A GLU 4  ? ? 1.625 1.515 0.110  0.015 N 
7  1 CA  A GLU 4  ? ? C   A GLU 4  ? ? 1.361 1.525 -0.164 0.026 N 
8  1 N   A PRO 5  ? ? CA  A PRO 5  ? ? 1.325 1.468 -0.143 0.017 N 
9  1 CA  A PRO 5  ? ? CB  A PRO 5  ? ? 1.360 1.531 -0.171 0.020 N 
10 1 CA  A GLU 6  ? ? CB  A GLU 6  ? ? 1.318 1.535 -0.217 0.022 N 
11 1 CA  A GLU 6  ? ? C   A GLU 6  ? ? 1.369 1.525 -0.156 0.026 N 
12 1 CA  A TYR 7  ? ? CB  A TYR 7  ? ? 1.293 1.535 -0.242 0.022 N 
13 1 CA  A GLY 9  ? ? C   A GLY 9  ? ? 1.418 1.514 -0.096 0.016 N 
14 1 CA  A ASP 10 ? ? C   A ASP 10 ? ? 1.361 1.525 -0.164 0.026 N 
15 1 CA  A ASN 11 ? ? C   A ASN 11 ? ? 1.358 1.525 -0.167 0.026 N 
16 1 CA  A ALA 12 ? ? CB  A ALA 12 ? ? 1.300 1.520 -0.220 0.021 N 
17 1 CA  A GLU 15 ? ? CB  A GLU 15 ? ? 1.369 1.535 -0.166 0.022 N 
18 1 CA  A GLN 16 ? ? CB  A GLN 16 ? ? 1.382 1.535 -0.153 0.022 N 
19 1 CB  A GLN 16 ? ? CG  A GLN 16 ? ? 1.302 1.521 -0.219 0.027 N 
20 1 CA  A MET 17 ? ? CB  A MET 17 ? ? 1.268 1.535 -0.267 0.022 N 
21 1 CA  A ARG 25 ? ? CB  A ARG 25 ? ? 1.277 1.535 -0.258 0.022 N 
22 1 CG  A ARG 25 ? ? CD  A ARG 25 ? ? 1.302 1.515 -0.213 0.025 N 
23 1 NE  A ARG 25 ? ? CZ  A ARG 25 ? ? 1.231 1.326 -0.095 0.013 N 
24 1 CA  A ARG 26 ? ? CB  A ARG 26 ? ? 1.329 1.535 -0.206 0.022 N 
25 1 CD1 A TYR 27 ? ? CE1 A TYR 27 ? ? 1.297 1.389 -0.092 0.015 N 
26 1 CA  A ARG 33 ? ? CB  A ARG 33 ? ? 1.307 1.535 -0.228 0.022 N 
27 1 CB  A ARG 33 ? ? CG  A ARG 33 ? ? 1.232 1.521 -0.289 0.027 N 
28 1 CG  A ARG 33 ? ? CD  A ARG 33 ? ? 1.355 1.515 -0.160 0.025 N 
29 1 NE  A ARG 33 ? ? CZ  A ARG 33 ? ? 1.209 1.326 -0.117 0.013 N 
30 1 CZ  A ARG 33 ? ? NH1 A ARG 33 ? ? 1.228 1.326 -0.098 0.013 N 
31 1 CA  A ARG 33 ? ? C   A ARG 33 ? ? 1.355 1.525 -0.170 0.026 N 
32 1 N   A PRO 34 ? ? CA  A PRO 34 ? ? 1.204 1.468 -0.264 0.017 N 
33 1 CA  A PRO 34 ? ? CB  A PRO 34 ? ? 1.257 1.531 -0.274 0.020 N 
34 1 CG  A PRO 34 ? ? CD  A PRO 34 ? ? 1.278 1.502 -0.224 0.033 N 
35 1 C   A PRO 34 ? ? N   A ARG 35 ? ? 1.198 1.336 -0.138 0.023 Y 
36 1 N   A ARG 35 ? ? CA  A ARG 35 ? ? 1.155 1.459 -0.304 0.020 N 
37 1 NE  A ARG 35 ? ? CZ  A ARG 35 ? ? 1.215 1.326 -0.111 0.013 N 
38 1 CZ  A ARG 35 ? ? NH1 A ARG 35 ? ? 1.218 1.326 -0.108 0.013 N 
39 1 CA  A TYR 36 ? ? CB  A TYR 36 ? ? 1.396 1.535 -0.139 0.022 N 
40 1 CB  A TYR 36 ? ? CG  A TYR 36 ? ? 1.609 1.512 0.097  0.015 N 
41 1 CG  A TYR 36 ? ? CD2 A TYR 36 ? ? 1.507 1.387 0.120  0.013 N 
42 1 CG  A TYR 36 ? ? CD1 A TYR 36 ? ? 1.615 1.387 0.228  0.013 N 
43 1 CE1 A TYR 36 ? ? CZ  A TYR 36 ? ? 1.654 1.381 0.273  0.013 N 
44 1 CZ  A TYR 36 ? ? OH  A TYR 36 ? ? 1.541 1.374 0.167  0.017 N 
45 1 CZ  A TYR 36 ? ? CE2 A TYR 36 ? ? 1.542 1.381 0.161  0.013 N 
46 1 CE2 A TYR 36 ? ? CD2 A TYR 36 ? ? 1.531 1.389 0.142  0.015 N 
# 
loop_
_pdbx_validate_rmsd_angle.id 
_pdbx_validate_rmsd_angle.PDB_model_num 
_pdbx_validate_rmsd_angle.auth_atom_id_1 
_pdbx_validate_rmsd_angle.auth_asym_id_1 
_pdbx_validate_rmsd_angle.auth_comp_id_1 
_pdbx_validate_rmsd_angle.auth_seq_id_1 
_pdbx_validate_rmsd_angle.PDB_ins_code_1 
_pdbx_validate_rmsd_angle.label_alt_id_1 
_pdbx_validate_rmsd_angle.auth_atom_id_2 
_pdbx_validate_rmsd_angle.auth_asym_id_2 
_pdbx_validate_rmsd_angle.auth_comp_id_2 
_pdbx_validate_rmsd_angle.auth_seq_id_2 
_pdbx_validate_rmsd_angle.PDB_ins_code_2 
_pdbx_validate_rmsd_angle.label_alt_id_2 
_pdbx_validate_rmsd_angle.auth_atom_id_3 
_pdbx_validate_rmsd_angle.auth_asym_id_3 
_pdbx_validate_rmsd_angle.auth_comp_id_3 
_pdbx_validate_rmsd_angle.auth_seq_id_3 
_pdbx_validate_rmsd_angle.PDB_ins_code_3 
_pdbx_validate_rmsd_angle.label_alt_id_3 
_pdbx_validate_rmsd_angle.angle_value 
_pdbx_validate_rmsd_angle.angle_target_value 
_pdbx_validate_rmsd_angle.angle_deviation 
_pdbx_validate_rmsd_angle.angle_standard_deviation 
_pdbx_validate_rmsd_angle.linker_flag 
1  1 N   A ALA 1  ? ? CA  A ALA 1  ? ? C   A ALA 1  ? ? 90.94  111.00 -20.06 2.70 N 
2  1 N   A PRO 2  ? ? CA  A PRO 2  ? ? C   A PRO 2  ? ? 75.45  112.10 -36.65 2.60 N 
3  1 CA  A PRO 2  ? ? C   A PRO 2  ? ? O   A PRO 2  ? ? 136.53 120.20 16.33  2.40 N 
4  1 CA  A PRO 2  ? ? C   A PRO 2  ? ? N   A LEU 3  ? ? 88.16  117.20 -29.04 2.20 Y 
5  1 O   A PRO 2  ? ? C   A PRO 2  ? ? N   A LEU 3  ? ? 134.99 122.70 12.29  1.60 Y 
6  1 C   A PRO 2  ? ? N   A LEU 3  ? ? CA  A LEU 3  ? ? 105.62 121.70 -16.08 2.50 Y 
7  1 CB  A LEU 3  ? ? CA  A LEU 3  ? ? C   A LEU 3  ? ? 84.45  110.20 -25.75 1.90 N 
8  1 N   A LEU 3  ? ? CA  A LEU 3  ? ? CB  A LEU 3  ? ? 122.51 110.40 12.11  2.00 N 
9  1 CD1 A LEU 3  ? ? CG  A LEU 3  ? ? CD2 A LEU 3  ? ? 76.71  110.50 -33.79 3.00 N 
10 1 CB  A LEU 3  ? ? CG  A LEU 3  ? ? CD1 A LEU 3  ? ? 97.67  111.00 -13.33 1.70 N 
11 1 CB  A LEU 3  ? ? CG  A LEU 3  ? ? CD2 A LEU 3  ? ? 137.63 111.00 26.63  1.70 N 
12 1 N   A LEU 3  ? ? CA  A LEU 3  ? ? C   A LEU 3  ? ? 75.97  111.00 -35.03 2.70 N 
13 1 CA  A LEU 3  ? ? C   A LEU 3  ? ? O   A LEU 3  ? ? 133.83 120.10 13.73  2.10 N 
14 1 CA  A LEU 3  ? ? C   A LEU 3  ? ? N   A GLU 4  ? ? 86.52  117.20 -30.68 2.20 Y 
15 1 O   A LEU 3  ? ? C   A LEU 3  ? ? N   A GLU 4  ? ? 138.22 122.70 15.52  1.60 Y 
16 1 C   A LEU 3  ? ? N   A GLU 4  ? ? CA  A GLU 4  ? ? 137.86 121.70 16.16  2.50 Y 
17 1 N   A GLU 4  ? ? CA  A GLU 4  ? ? CB  A GLU 4  ? ? 99.35  110.60 -11.25 1.80 N 
18 1 CB  A GLU 4  ? ? CG  A GLU 4  ? ? CD  A GLU 4  ? ? 83.98  114.20 -30.22 2.70 N 
19 1 OE1 A GLU 4  ? ? CD  A GLU 4  ? ? OE2 A GLU 4  ? ? 86.15  123.30 -37.15 1.20 N 
20 1 CG  A GLU 4  ? ? CD  A GLU 4  ? ? OE1 A GLU 4  ? ? 172.95 118.30 54.65  2.00 N 
21 1 CG  A GLU 4  ? ? CD  A GLU 4  ? ? OE2 A GLU 4  ? ? 94.08  118.30 -24.22 2.00 N 
22 1 CA  A GLU 4  ? ? C   A GLU 4  ? ? O   A GLU 4  ? ? 134.67 120.10 14.57  2.10 N 
23 1 CA  A GLU 4  ? ? C   A GLU 4  ? ? N   A PRO 5  ? ? 97.03  117.10 -20.07 2.80 Y 
24 1 CA  A PRO 5  ? ? C   A PRO 5  ? ? N   A GLU 6  ? ? 97.50  117.20 -19.70 2.20 Y 
25 1 OE1 A GLU 6  ? ? CD  A GLU 6  ? ? OE2 A GLU 6  ? ? 133.24 123.30 9.94   1.20 N 
26 1 CG  A TYR 7  ? ? CD2 A TYR 7  ? ? CE2 A TYR 7  ? ? 116.28 121.30 -5.02  0.80 N 
27 1 OD1 A ASP 10 ? ? CG  A ASP 10 ? ? OD2 A ASP 10 ? ? 144.05 123.30 20.75  1.90 N 
28 1 CB  A ASP 10 ? ? CG  A ASP 10 ? ? OD1 A ASP 10 ? ? 109.17 118.30 -9.13  0.90 N 
29 1 CB  A ASP 10 ? ? CG  A ASP 10 ? ? OD2 A ASP 10 ? ? 106.78 118.30 -11.52 0.90 N 
30 1 N   A ASN 11 ? ? CA  A ASN 11 ? ? CB  A ASN 11 ? ? 121.69 110.60 11.09  1.80 N 
31 1 CA  A ASN 11 ? ? C   A ASN 11 ? ? N   A ALA 12 ? ? 97.10  117.20 -20.10 2.20 Y 
32 1 O   A ASN 11 ? ? C   A ASN 11 ? ? N   A ALA 12 ? ? 133.35 122.70 10.65  1.60 Y 
33 1 N   A ALA 12 ? ? CA  A ALA 12 ? ? CB  A ALA 12 ? ? 100.38 110.10 -9.72  1.40 N 
34 1 CB  A GLN 16 ? ? CA  A GLN 16 ? ? C   A GLN 16 ? ? 95.58  110.40 -14.82 2.00 N 
35 1 CB  A GLN 16 ? ? CG  A GLN 16 ? ? CD  A GLN 16 ? ? 136.24 111.60 24.64  2.60 N 
36 1 CA  A MET 17 ? ? CB  A MET 17 ? ? CG  A MET 17 ? ? 129.16 113.30 15.86  1.70 N 
37 1 CB  A MET 17 ? ? CG  A MET 17 ? ? SD  A MET 17 ? ? 86.83  112.40 -25.57 3.00 N 
38 1 CB  A GLN 19 ? ? CG  A GLN 19 ? ? CD  A GLN 19 ? ? 133.71 111.60 22.11  2.60 N 
39 1 CA  A TYR 20 ? ? CB  A TYR 20 ? ? CG  A TYR 20 ? ? 100.37 113.40 -13.03 1.90 N 
40 1 CB  A TYR 20 ? ? CG  A TYR 20 ? ? CD1 A TYR 20 ? ? 115.48 121.00 -5.52  0.60 N 
41 1 CG  A TYR 20 ? ? CD1 A TYR 20 ? ? CE1 A TYR 20 ? ? 116.47 121.30 -4.83  0.80 N 
42 1 CG  A ARG 25 ? ? CD  A ARG 25 ? ? NE  A ARG 25 ? ? 98.14  111.80 -13.66 2.10 N 
43 1 CD  A ARG 25 ? ? NE  A ARG 25 ? ? CZ  A ARG 25 ? ? 108.42 123.60 -15.18 1.40 N 
44 1 NH1 A ARG 25 ? ? CZ  A ARG 25 ? ? NH2 A ARG 25 ? ? 87.95  119.40 -31.45 1.10 N 
45 1 NE  A ARG 25 ? ? CZ  A ARG 25 ? ? NH1 A ARG 25 ? ? 75.27  120.30 -45.03 0.50 N 
46 1 NE  A ARG 25 ? ? CZ  A ARG 25 ? ? NH2 A ARG 25 ? ? 163.17 120.30 42.87  0.50 N 
47 1 CB  A ARG 26 ? ? CG  A ARG 26 ? ? CD  A ARG 26 ? ? 95.72  111.60 -15.88 2.60 N 
48 1 CG  A ARG 26 ? ? CD  A ARG 26 ? ? NE  A ARG 26 ? ? 93.30  111.80 -18.50 2.10 N 
49 1 CD  A ARG 26 ? ? NE  A ARG 26 ? ? CZ  A ARG 26 ? ? 107.67 123.60 -15.93 1.40 N 
50 1 NH1 A ARG 26 ? ? CZ  A ARG 26 ? ? NH2 A ARG 26 ? ? 85.53  119.40 -33.88 1.10 N 
51 1 NE  A ARG 26 ? ? CZ  A ARG 26 ? ? NH1 A ARG 26 ? ? 76.46  120.30 -43.84 0.50 N 
52 1 NE  A ARG 26 ? ? CZ  A ARG 26 ? ? NH2 A ARG 26 ? ? 161.97 120.30 41.67  0.50 N 
53 1 CB  A TYR 27 ? ? CG  A TYR 27 ? ? CD2 A TYR 27 ? ? 129.35 121.00 8.35   0.60 N 
54 1 CB  A TYR 27 ? ? CG  A TYR 27 ? ? CD1 A TYR 27 ? ? 110.14 121.00 -10.86 0.60 N 
55 1 CG  A MET 30 ? ? SD  A MET 30 ? ? CE  A MET 30 ? ? 86.57  100.20 -13.63 1.60 N 
56 1 CB  A LEU 31 ? ? CA  A LEU 31 ? ? C   A LEU 31 ? ? 92.72  110.20 -17.48 1.90 N 
57 1 CB  A THR 32 ? ? CA  A THR 32 ? ? C   A THR 32 ? ? 89.35  111.60 -22.25 2.70 N 
58 1 N   A THR 32 ? ? CA  A THR 32 ? ? CB  A THR 32 ? ? 124.85 110.30 14.55  1.90 N 
59 1 N   A THR 32 ? ? CA  A THR 32 ? ? C   A THR 32 ? ? 89.28  111.00 -21.72 2.70 N 
60 1 CB  A ARG 33 ? ? CA  A ARG 33 ? ? C   A ARG 33 ? ? 84.13  110.40 -26.27 2.00 N 
61 1 N   A ARG 33 ? ? CA  A ARG 33 ? ? CB  A ARG 33 ? ? 128.14 110.60 17.54  1.80 N 
62 1 CA  A ARG 33 ? ? CB  A ARG 33 ? ? CG  A ARG 33 ? ? 90.92  113.40 -22.48 2.20 N 
63 1 CB  A ARG 33 ? ? CG  A ARG 33 ? ? CD  A ARG 33 ? ? 131.31 111.60 19.71  2.60 N 
64 1 CG  A ARG 33 ? ? CD  A ARG 33 ? ? NE  A ARG 33 ? ? 83.10  111.80 -28.70 2.10 N 
65 1 NH1 A ARG 33 ? ? CZ  A ARG 33 ? ? NH2 A ARG 33 ? ? 82.75  119.40 -36.65 1.10 N 
66 1 NE  A ARG 33 ? ? CZ  A ARG 33 ? ? NH1 A ARG 33 ? ? 162.77 120.30 42.47  0.50 N 
67 1 NE  A ARG 33 ? ? CZ  A ARG 33 ? ? NH2 A ARG 33 ? ? 80.17  120.30 -40.13 0.50 N 
68 1 N   A ARG 33 ? ? CA  A ARG 33 ? ? C   A ARG 33 ? ? 75.97  111.00 -35.03 2.70 N 
69 1 CA  A ARG 33 ? ? C   A ARG 33 ? ? O   A ARG 33 ? ? 135.58 120.10 15.48  2.10 N 
70 1 CA  A ARG 33 ? ? C   A ARG 33 ? ? N   A PRO 34 ? ? 92.44  117.10 -24.66 2.80 Y 
71 1 N   A PRO 34 ? ? CA  A PRO 34 ? ? C   A PRO 34 ? ? 86.98  112.10 -25.12 2.60 N 
72 1 CA  A PRO 34 ? ? C   A PRO 34 ? ? O   A PRO 34 ? ? 140.48 120.20 20.28  2.40 N 
73 1 CA  A PRO 34 ? ? C   A PRO 34 ? ? N   A ARG 35 ? ? 81.83  117.20 -35.37 2.20 Y 
74 1 O   A PRO 34 ? ? C   A PRO 34 ? ? N   A ARG 35 ? ? 137.11 122.70 14.41  1.60 Y 
75 1 CB  A ARG 35 ? ? CA  A ARG 35 ? ? C   A ARG 35 ? ? 124.81 110.40 14.41  2.00 N 
76 1 CA  A ARG 35 ? ? CB  A ARG 35 ? ? CG  A ARG 35 ? ? 94.76  113.40 -18.64 2.20 N 
77 1 CD  A ARG 35 ? ? NE  A ARG 35 ? ? CZ  A ARG 35 ? ? 134.15 123.60 10.55  1.40 N 
78 1 NH1 A ARG 35 ? ? CZ  A ARG 35 ? ? NH2 A ARG 35 ? ? 93.96  119.40 -25.44 1.10 N 
79 1 NE  A ARG 35 ? ? CZ  A ARG 35 ? ? NH1 A ARG 35 ? ? 162.56 120.30 42.26  0.50 N 
80 1 NE  A ARG 35 ? ? CZ  A ARG 35 ? ? NH2 A ARG 35 ? ? 76.98  120.30 -43.32 0.50 N 
81 1 N   A ARG 35 ? ? CA  A ARG 35 ? ? C   A ARG 35 ? ? 84.27  111.00 -26.73 2.70 N 
82 1 CA  A ARG 35 ? ? C   A ARG 35 ? ? N   A TYR 36 ? ? 94.23  117.20 -22.97 2.20 Y 
83 1 O   A ARG 35 ? ? C   A ARG 35 ? ? N   A TYR 36 ? ? 136.06 122.70 13.36  1.60 Y 
84 1 N   A TYR 36 ? ? CA  A TYR 36 ? ? CB  A TYR 36 ? ? 98.46  110.60 -12.14 1.80 N 
85 1 CB  A TYR 36 ? ? CG  A TYR 36 ? ? CD2 A TYR 36 ? ? 156.69 121.00 35.69  0.60 N 
86 1 CD1 A TYR 36 ? ? CG  A TYR 36 ? ? CD2 A TYR 36 ? ? 79.74  117.90 -38.16 1.10 N 
87 1 CG  A TYR 36 ? ? CD1 A TYR 36 ? ? CE1 A TYR 36 ? ? 72.33  121.30 -48.97 0.80 N 
88 1 CG  A TYR 36 ? ? CD2 A TYR 36 ? ? CE2 A TYR 36 ? ? 34.35  121.30 -86.95 0.80 N 
89 1 CD1 A TYR 36 ? ? CE1 A TYR 36 ? ? CZ  A TYR 36 ? ? 94.99  119.80 -24.81 0.90 N 
90 1 OH  A TYR 36 ? ? CZ  A TYR 36 ? ? CE2 A TYR 36 ? ? 155.47 120.10 35.37  2.70 N 
91 1 CE1 A TYR 36 ? ? CZ  A TYR 36 ? ? OH  A TYR 36 ? ? 156.82 120.10 36.72  2.70 N 
92 1 CE1 A TYR 36 ? ? CZ  A TYR 36 ? ? CE2 A TYR 36 ? ? 45.83  119.80 -73.97 1.60 N 
93 1 CZ  A TYR 36 ? ? CE2 A TYR 36 ? ? CD2 A TYR 36 ? ? 33.31  119.80 -86.49 0.90 N 
# 
loop_
_pdbx_validate_torsion.id 
_pdbx_validate_torsion.PDB_model_num 
_pdbx_validate_torsion.auth_comp_id 
_pdbx_validate_torsion.auth_asym_id 
_pdbx_validate_torsion.auth_seq_id 
_pdbx_validate_torsion.PDB_ins_code 
_pdbx_validate_torsion.label_alt_id 
_pdbx_validate_torsion.phi 
_pdbx_validate_torsion.psi 
1 1 GLU A 4  ? ? -4.23   166.95  
2 1 PRO A 5  ? ? -68.99  -174.91 
3 1 PRO A 8  ? ? -46.49  -82.88  
4 1 ASP A 10 ? ? -170.07 -56.44  
5 1 ASN A 11 ? ? 178.14  87.62   
6 1 ALA A 12 ? ? -56.01  -75.14  
7 1 PRO A 14 ? ? -70.41  44.63   
8 1 GLU A 15 ? ? -170.34 -26.44  
9 1 ARG A 33 ? ? 152.77  107.21  
# 
_pdbx_validate_peptide_omega.id               1 
_pdbx_validate_peptide_omega.PDB_model_num    1 
_pdbx_validate_peptide_omega.auth_comp_id_1   ALA 
_pdbx_validate_peptide_omega.auth_asym_id_1   A 
_pdbx_validate_peptide_omega.auth_seq_id_1    1 
_pdbx_validate_peptide_omega.PDB_ins_code_1   ? 
_pdbx_validate_peptide_omega.label_alt_id_1   ? 
_pdbx_validate_peptide_omega.auth_comp_id_2   PRO 
_pdbx_validate_peptide_omega.auth_asym_id_2   A 
_pdbx_validate_peptide_omega.auth_seq_id_2    2 
_pdbx_validate_peptide_omega.PDB_ins_code_2   ? 
_pdbx_validate_peptide_omega.label_alt_id_2   ? 
_pdbx_validate_peptide_omega.omega            140.98 
# 
loop_
_pdbx_validate_planes.id 
_pdbx_validate_planes.PDB_model_num 
_pdbx_validate_planes.auth_comp_id 
_pdbx_validate_planes.auth_asym_id 
_pdbx_validate_planes.auth_seq_id 
_pdbx_validate_planes.PDB_ins_code 
_pdbx_validate_planes.label_alt_id 
_pdbx_validate_planes.rmsd 
_pdbx_validate_planes.type 
1 1 ARG A 25 ? ? 0.229 'SIDE CHAIN' 
2 1 ARG A 26 ? ? 0.194 'SIDE CHAIN' 
3 1 ARG A 35 ? ? 0.270 'SIDE CHAIN' 
4 1 TYR A 36 ? ? 0.091 'SIDE CHAIN' 
# 
_pdbx_validate_polymer_linkage.id               1 
_pdbx_validate_polymer_linkage.PDB_model_num    1 
_pdbx_validate_polymer_linkage.auth_atom_id_1   C 
_pdbx_validate_polymer_linkage.auth_asym_id_1   A 
_pdbx_validate_polymer_linkage.auth_comp_id_1   PRO 
_pdbx_validate_polymer_linkage.auth_seq_id_1    34 
_pdbx_validate_polymer_linkage.PDB_ins_code_1   ? 
_pdbx_validate_polymer_linkage.label_alt_id_1   ? 
_pdbx_validate_polymer_linkage.auth_atom_id_2   N 
_pdbx_validate_polymer_linkage.auth_asym_id_2   A 
_pdbx_validate_polymer_linkage.auth_comp_id_2   ARG 
_pdbx_validate_polymer_linkage.auth_seq_id_2    35 
_pdbx_validate_polymer_linkage.PDB_ins_code_2   ? 
_pdbx_validate_polymer_linkage.label_alt_id_2   ? 
_pdbx_validate_polymer_linkage.dist             1.20 
# 
_pdbx_nmr_ensemble.entry_id                             1BBA 
_pdbx_nmr_ensemble.conformers_calculated_total_number   ? 
_pdbx_nmr_ensemble.conformers_submitted_total_number    1 
_pdbx_nmr_ensemble.conformer_selection_criteria         ? 
# 
loop_
_chem_comp_atom.comp_id 
_chem_comp_atom.atom_id 
_chem_comp_atom.type_symbol 
_chem_comp_atom.pdbx_aromatic_flag 
_chem_comp_atom.pdbx_stereo_config 
_chem_comp_atom.pdbx_ordinal 
ALA N    N N N 1   
ALA CA   C N S 2   
ALA C    C N N 3   
ALA O    O N N 4   
ALA CB   C N N 5   
ALA OXT  O N N 6   
ALA H    H N N 7   
ALA H2   H N N 8   
ALA HA   H N N 9   
ALA HB1  H N N 10  
ALA HB2  H N N 11  
ALA HB3  H N N 12  
ALA HXT  H N N 13  
ARG N    N N N 14  
ARG CA   C N S 15  
ARG C    C N N 16  
ARG O    O N N 17  
ARG CB   C N N 18  
ARG CG   C N N 19  
ARG CD   C N N 20  
ARG NE   N N N 21  
ARG CZ   C N N 22  
ARG NH1  N N N 23  
ARG NH2  N N N 24  
ARG OXT  O N N 25  
ARG H    H N N 26  
ARG H2   H N N 27  
ARG HA   H N N 28  
ARG HB2  H N N 29  
ARG HB3  H N N 30  
ARG HG2  H N N 31  
ARG HG3  H N N 32  
ARG HD2  H N N 33  
ARG HD3  H N N 34  
ARG HE   H N N 35  
ARG HH11 H N N 36  
ARG HH12 H N N 37  
ARG HH21 H N N 38  
ARG HH22 H N N 39  
ARG HXT  H N N 40  
ASN N    N N N 41  
ASN CA   C N S 42  
ASN C    C N N 43  
ASN O    O N N 44  
ASN CB   C N N 45  
ASN CG   C N N 46  
ASN OD1  O N N 47  
ASN ND2  N N N 48  
ASN OXT  O N N 49  
ASN H    H N N 50  
ASN H2   H N N 51  
ASN HA   H N N 52  
ASN HB2  H N N 53  
ASN HB3  H N N 54  
ASN HD21 H N N 55  
ASN HD22 H N N 56  
ASN HXT  H N N 57  
ASP N    N N N 58  
ASP CA   C N S 59  
ASP C    C N N 60  
ASP O    O N N 61  
ASP CB   C N N 62  
ASP CG   C N N 63  
ASP OD1  O N N 64  
ASP OD2  O N N 65  
ASP OXT  O N N 66  
ASP H    H N N 67  
ASP H2   H N N 68  
ASP HA   H N N 69  
ASP HB2  H N N 70  
ASP HB3  H N N 71  
ASP HD2  H N N 72  
ASP HXT  H N N 73  
GLN N    N N N 74  
GLN CA   C N S 75  
GLN C    C N N 76  
GLN O    O N N 77  
GLN CB   C N N 78  
GLN CG   C N N 79  
GLN CD   C N N 80  
GLN OE1  O N N 81  
GLN NE2  N N N 82  
GLN OXT  O N N 83  
GLN H    H N N 84  
GLN H2   H N N 85  
GLN HA   H N N 86  
GLN HB2  H N N 87  
GLN HB3  H N N 88  
GLN HG2  H N N 89  
GLN HG3  H N N 90  
GLN HE21 H N N 91  
GLN HE22 H N N 92  
GLN HXT  H N N 93  
GLU N    N N N 94  
GLU CA   C N S 95  
GLU C    C N N 96  
GLU O    O N N 97  
GLU CB   C N N 98  
GLU CG   C N N 99  
GLU CD   C N N 100 
GLU OE1  O N N 101 
GLU OE2  O N N 102 
GLU OXT  O N N 103 
GLU H    H N N 104 
GLU H2   H N N 105 
GLU HA   H N N 106 
GLU HB2  H N N 107 
GLU HB3  H N N 108 
GLU HG2  H N N 109 
GLU HG3  H N N 110 
GLU HE2  H N N 111 
GLU HXT  H N N 112 
GLY N    N N N 113 
GLY CA   C N N 114 
GLY C    C N N 115 
GLY O    O N N 116 
GLY OXT  O N N 117 
GLY H    H N N 118 
GLY H2   H N N 119 
GLY HA2  H N N 120 
GLY HA3  H N N 121 
GLY HXT  H N N 122 
ILE N    N N N 123 
ILE CA   C N S 124 
ILE C    C N N 125 
ILE O    O N N 126 
ILE CB   C N S 127 
ILE CG1  C N N 128 
ILE CG2  C N N 129 
ILE CD1  C N N 130 
ILE OXT  O N N 131 
ILE H    H N N 132 
ILE H2   H N N 133 
ILE HA   H N N 134 
ILE HB   H N N 135 
ILE HG12 H N N 136 
ILE HG13 H N N 137 
ILE HG21 H N N 138 
ILE HG22 H N N 139 
ILE HG23 H N N 140 
ILE HD11 H N N 141 
ILE HD12 H N N 142 
ILE HD13 H N N 143 
ILE HXT  H N N 144 
LEU N    N N N 145 
LEU CA   C N S 146 
LEU C    C N N 147 
LEU O    O N N 148 
LEU CB   C N N 149 
LEU CG   C N N 150 
LEU CD1  C N N 151 
LEU CD2  C N N 152 
LEU OXT  O N N 153 
LEU H    H N N 154 
LEU H2   H N N 155 
LEU HA   H N N 156 
LEU HB2  H N N 157 
LEU HB3  H N N 158 
LEU HG   H N N 159 
LEU HD11 H N N 160 
LEU HD12 H N N 161 
LEU HD13 H N N 162 
LEU HD21 H N N 163 
LEU HD22 H N N 164 
LEU HD23 H N N 165 
LEU HXT  H N N 166 
MET N    N N N 167 
MET CA   C N S 168 
MET C    C N N 169 
MET O    O N N 170 
MET CB   C N N 171 
MET CG   C N N 172 
MET SD   S N N 173 
MET CE   C N N 174 
MET OXT  O N N 175 
MET H    H N N 176 
MET H2   H N N 177 
MET HA   H N N 178 
MET HB2  H N N 179 
MET HB3  H N N 180 
MET HG2  H N N 181 
MET HG3  H N N 182 
MET HE1  H N N 183 
MET HE2  H N N 184 
MET HE3  H N N 185 
MET HXT  H N N 186 
PRO N    N N N 187 
PRO CA   C N S 188 
PRO C    C N N 189 
PRO O    O N N 190 
PRO CB   C N N 191 
PRO CG   C N N 192 
PRO CD   C N N 193 
PRO OXT  O N N 194 
PRO H    H N N 195 
PRO HA   H N N 196 
PRO HB2  H N N 197 
PRO HB3  H N N 198 
PRO HG2  H N N 199 
PRO HG3  H N N 200 
PRO HD2  H N N 201 
PRO HD3  H N N 202 
PRO HXT  H N N 203 
THR N    N N N 204 
THR CA   C N S 205 
THR C    C N N 206 
THR O    O N N 207 
THR CB   C N R 208 
THR OG1  O N N 209 
THR CG2  C N N 210 
THR OXT  O N N 211 
THR H    H N N 212 
THR H2   H N N 213 
THR HA   H N N 214 
THR HB   H N N 215 
THR HG1  H N N 216 
THR HG21 H N N 217 
THR HG22 H N N 218 
THR HG23 H N N 219 
THR HXT  H N N 220 
TYR N    N N N 221 
TYR CA   C N S 222 
TYR C    C N N 223 
TYR O    O N N 224 
TYR CB   C N N 225 
TYR CG   C Y N 226 
TYR CD1  C Y N 227 
TYR CD2  C Y N 228 
TYR CE1  C Y N 229 
TYR CE2  C Y N 230 
TYR CZ   C Y N 231 
TYR OH   O N N 232 
TYR OXT  O N N 233 
TYR H    H N N 234 
TYR H2   H N N 235 
TYR HA   H N N 236 
TYR HB2  H N N 237 
TYR HB3  H N N 238 
TYR HD1  H N N 239 
TYR HD2  H N N 240 
TYR HE1  H N N 241 
TYR HE2  H N N 242 
TYR HH   H N N 243 
TYR HXT  H N N 244 
# 
loop_
_chem_comp_bond.comp_id 
_chem_comp_bond.atom_id_1 
_chem_comp_bond.atom_id_2 
_chem_comp_bond.value_order 
_chem_comp_bond.pdbx_aromatic_flag 
_chem_comp_bond.pdbx_stereo_config 
_chem_comp_bond.pdbx_ordinal 
ALA N   CA   sing N N 1   
ALA N   H    sing N N 2   
ALA N   H2   sing N N 3   
ALA CA  C    sing N N 4   
ALA CA  CB   sing N N 5   
ALA CA  HA   sing N N 6   
ALA C   O    doub N N 7   
ALA C   OXT  sing N N 8   
ALA CB  HB1  sing N N 9   
ALA CB  HB2  sing N N 10  
ALA CB  HB3  sing N N 11  
ALA OXT HXT  sing N N 12  
ARG N   CA   sing N N 13  
ARG N   H    sing N N 14  
ARG N   H2   sing N N 15  
ARG CA  C    sing N N 16  
ARG CA  CB   sing N N 17  
ARG CA  HA   sing N N 18  
ARG C   O    doub N N 19  
ARG C   OXT  sing N N 20  
ARG CB  CG   sing N N 21  
ARG CB  HB2  sing N N 22  
ARG CB  HB3  sing N N 23  
ARG CG  CD   sing N N 24  
ARG CG  HG2  sing N N 25  
ARG CG  HG3  sing N N 26  
ARG CD  NE   sing N N 27  
ARG CD  HD2  sing N N 28  
ARG CD  HD3  sing N N 29  
ARG NE  CZ   sing N N 30  
ARG NE  HE   sing N N 31  
ARG CZ  NH1  sing N N 32  
ARG CZ  NH2  doub N N 33  
ARG NH1 HH11 sing N N 34  
ARG NH1 HH12 sing N N 35  
ARG NH2 HH21 sing N N 36  
ARG NH2 HH22 sing N N 37  
ARG OXT HXT  sing N N 38  
ASN N   CA   sing N N 39  
ASN N   H    sing N N 40  
ASN N   H2   sing N N 41  
ASN CA  C    sing N N 42  
ASN CA  CB   sing N N 43  
ASN CA  HA   sing N N 44  
ASN C   O    doub N N 45  
ASN C   OXT  sing N N 46  
ASN CB  CG   sing N N 47  
ASN CB  HB2  sing N N 48  
ASN CB  HB3  sing N N 49  
ASN CG  OD1  doub N N 50  
ASN CG  ND2  sing N N 51  
ASN ND2 HD21 sing N N 52  
ASN ND2 HD22 sing N N 53  
ASN OXT HXT  sing N N 54  
ASP N   CA   sing N N 55  
ASP N   H    sing N N 56  
ASP N   H2   sing N N 57  
ASP CA  C    sing N N 58  
ASP CA  CB   sing N N 59  
ASP CA  HA   sing N N 60  
ASP C   O    doub N N 61  
ASP C   OXT  sing N N 62  
ASP CB  CG   sing N N 63  
ASP CB  HB2  sing N N 64  
ASP CB  HB3  sing N N 65  
ASP CG  OD1  doub N N 66  
ASP CG  OD2  sing N N 67  
ASP OD2 HD2  sing N N 68  
ASP OXT HXT  sing N N 69  
GLN N   CA   sing N N 70  
GLN N   H    sing N N 71  
GLN N   H2   sing N N 72  
GLN CA  C    sing N N 73  
GLN CA  CB   sing N N 74  
GLN CA  HA   sing N N 75  
GLN C   O    doub N N 76  
GLN C   OXT  sing N N 77  
GLN CB  CG   sing N N 78  
GLN CB  HB2  sing N N 79  
GLN CB  HB3  sing N N 80  
GLN CG  CD   sing N N 81  
GLN CG  HG2  sing N N 82  
GLN CG  HG3  sing N N 83  
GLN CD  OE1  doub N N 84  
GLN CD  NE2  sing N N 85  
GLN NE2 HE21 sing N N 86  
GLN NE2 HE22 sing N N 87  
GLN OXT HXT  sing N N 88  
GLU N   CA   sing N N 89  
GLU N   H    sing N N 90  
GLU N   H2   sing N N 91  
GLU CA  C    sing N N 92  
GLU CA  CB   sing N N 93  
GLU CA  HA   sing N N 94  
GLU C   O    doub N N 95  
GLU C   OXT  sing N N 96  
GLU CB  CG   sing N N 97  
GLU CB  HB2  sing N N 98  
GLU CB  HB3  sing N N 99  
GLU CG  CD   sing N N 100 
GLU CG  HG2  sing N N 101 
GLU CG  HG3  sing N N 102 
GLU CD  OE1  doub N N 103 
GLU CD  OE2  sing N N 104 
GLU OE2 HE2  sing N N 105 
GLU OXT HXT  sing N N 106 
GLY N   CA   sing N N 107 
GLY N   H    sing N N 108 
GLY N   H2   sing N N 109 
GLY CA  C    sing N N 110 
GLY CA  HA2  sing N N 111 
GLY CA  HA3  sing N N 112 
GLY C   O    doub N N 113 
GLY C   OXT  sing N N 114 
GLY OXT HXT  sing N N 115 
ILE N   CA   sing N N 116 
ILE N   H    sing N N 117 
ILE N   H2   sing N N 118 
ILE CA  C    sing N N 119 
ILE CA  CB   sing N N 120 
ILE CA  HA   sing N N 121 
ILE C   O    doub N N 122 
ILE C   OXT  sing N N 123 
ILE CB  CG1  sing N N 124 
ILE CB  CG2  sing N N 125 
ILE CB  HB   sing N N 126 
ILE CG1 CD1  sing N N 127 
ILE CG1 HG12 sing N N 128 
ILE CG1 HG13 sing N N 129 
ILE CG2 HG21 sing N N 130 
ILE CG2 HG22 sing N N 131 
ILE CG2 HG23 sing N N 132 
ILE CD1 HD11 sing N N 133 
ILE CD1 HD12 sing N N 134 
ILE CD1 HD13 sing N N 135 
ILE OXT HXT  sing N N 136 
LEU N   CA   sing N N 137 
LEU N   H    sing N N 138 
LEU N   H2   sing N N 139 
LEU CA  C    sing N N 140 
LEU CA  CB   sing N N 141 
LEU CA  HA   sing N N 142 
LEU C   O    doub N N 143 
LEU C   OXT  sing N N 144 
LEU CB  CG   sing N N 145 
LEU CB  HB2  sing N N 146 
LEU CB  HB3  sing N N 147 
LEU CG  CD1  sing N N 148 
LEU CG  CD2  sing N N 149 
LEU CG  HG   sing N N 150 
LEU CD1 HD11 sing N N 151 
LEU CD1 HD12 sing N N 152 
LEU CD1 HD13 sing N N 153 
LEU CD2 HD21 sing N N 154 
LEU CD2 HD22 sing N N 155 
LEU CD2 HD23 sing N N 156 
LEU OXT HXT  sing N N 157 
MET N   CA   sing N N 158 
MET N   H    sing N N 159 
MET N   H2   sing N N 160 
MET CA  C    sing N N 161 
MET CA  CB   sing N N 162 
MET CA  HA   sing N N 163 
MET C   O    doub N N 164 
MET C   OXT  sing N N 165 
MET CB  CG   sing N N 166 
MET CB  HB2  sing N N 167 
MET CB  HB3  sing N N 168 
MET CG  SD   sing N N 169 
MET CG  HG2  sing N N 170 
MET CG  HG3  sing N N 171 
MET SD  CE   sing N N 172 
MET CE  HE1  sing N N 173 
MET CE  HE2  sing N N 174 
MET CE  HE3  sing N N 175 
MET OXT HXT  sing N N 176 
PRO N   CA   sing N N 177 
PRO N   CD   sing N N 178 
PRO N   H    sing N N 179 
PRO CA  C    sing N N 180 
PRO CA  CB   sing N N 181 
PRO CA  HA   sing N N 182 
PRO C   O    doub N N 183 
PRO C   OXT  sing N N 184 
PRO CB  CG   sing N N 185 
PRO CB  HB2  sing N N 186 
PRO CB  HB3  sing N N 187 
PRO CG  CD   sing N N 188 
PRO CG  HG2  sing N N 189 
PRO CG  HG3  sing N N 190 
PRO CD  HD2  sing N N 191 
PRO CD  HD3  sing N N 192 
PRO OXT HXT  sing N N 193 
THR N   CA   sing N N 194 
THR N   H    sing N N 195 
THR N   H2   sing N N 196 
THR CA  C    sing N N 197 
THR CA  CB   sing N N 198 
THR CA  HA   sing N N 199 
THR C   O    doub N N 200 
THR C   OXT  sing N N 201 
THR CB  OG1  sing N N 202 
THR CB  CG2  sing N N 203 
THR CB  HB   sing N N 204 
THR OG1 HG1  sing N N 205 
THR CG2 HG21 sing N N 206 
THR CG2 HG22 sing N N 207 
THR CG2 HG23 sing N N 208 
THR OXT HXT  sing N N 209 
TYR N   CA   sing N N 210 
TYR N   H    sing N N 211 
TYR N   H2   sing N N 212 
TYR CA  C    sing N N 213 
TYR CA  CB   sing N N 214 
TYR CA  HA   sing N N 215 
TYR C   O    doub N N 216 
TYR C   OXT  sing N N 217 
TYR CB  CG   sing N N 218 
TYR CB  HB2  sing N N 219 
TYR CB  HB3  sing N N 220 
TYR CG  CD1  doub Y N 221 
TYR CG  CD2  sing Y N 222 
TYR CD1 CE1  sing Y N 223 
TYR CD1 HD1  sing N N 224 
TYR CD2 CE2  doub Y N 225 
TYR CD2 HD2  sing N N 226 
TYR CE1 CZ   doub Y N 227 
TYR CE1 HE1  sing N N 228 
TYR CE2 CZ   sing Y N 229 
TYR CE2 HE2  sing N N 230 
TYR CZ  OH   sing N N 231 
TYR OH  HH   sing N N 232 
TYR OXT HXT  sing N N 233 
# 
_atom_sites.entry_id                    1BBA 
_atom_sites.fract_transf_matrix[1][1]   1.000000 
_atom_sites.fract_transf_matrix[1][2]   0.000000 
_atom_sites.fract_transf_matrix[1][3]   0.000000 
_atom_sites.fract_transf_matrix[2][1]   0.000000 
_atom_sites.fract_transf_matrix[2][2]   1.000000 
_atom_sites.fract_transf_matrix[2][3]   0.000000 
_atom_sites.fract_transf_matrix[3][1]   0.000000 
_atom_sites.fract_transf_matrix[3][2]   0.000000 
_atom_sites.fract_transf_matrix[3][3]   1.000000 
_atom_sites.fract_transf_vector[1]      0.00000 
_atom_sites.fract_transf_vector[2]      0.00000 
_atom_sites.fract_transf_vector[3]      0.00000 
# 
loop_
_atom_type.symbol 
C 
H 
N 
O 
S 
# 
loop_
_atom_site.group_PDB 
_atom_site.id 
_atom_site.type_symbol 
_atom_site.label_atom_id 
_atom_site.label_alt_id 
_atom_site.label_comp_id 
_atom_site.label_asym_id 
_atom_site.label_entity_id 
_atom_site.label_seq_id 
_atom_site.pdbx_PDB_ins_code 
_atom_site.Cartn_x 
_atom_site.Cartn_y 
_atom_site.Cartn_z 
_atom_site.occupancy 
_atom_site.B_iso_or_equiv 
_atom_site.pdbx_formal_charge 
_atom_site.auth_seq_id 
_atom_site.auth_comp_id 
_atom_site.auth_asym_id 
_atom_site.auth_atom_id 
_atom_site.pdbx_PDB_model_num 
ATOM 1   N N    . ALA A 1 1  ? 4.341  9.778   5.572   1.00 0.00 ? 1  ALA A N    1 
ATOM 2   C CA   . ALA A 1 1  ? 5.255  10.275  4.637   1.00 0.00 ? 1  ALA A CA   1 
ATOM 3   C C    . ALA A 1 1  ? 5.923  8.742   4.433   1.00 0.00 ? 1  ALA A C    1 
ATOM 4   O O    . ALA A 1 1  ? 7.082  8.405   4.203   1.00 0.00 ? 1  ALA A O    1 
ATOM 5   C CB   . ALA A 1 1  ? 6.265  11.215  5.301   1.00 0.00 ? 1  ALA A CB   1 
ATOM 6   H H1   . ALA A 1 1  ? 4.783  8.938   6.014   1.00 0.00 ? 1  ALA A H1   1 
ATOM 7   H H2   . ALA A 1 1  ? 3.333  9.658   5.409   1.00 0.00 ? 1  ALA A H2   1 
ATOM 8   H H3   . ALA A 1 1  ? 4.207  9.474   4.588   1.00 0.00 ? 1  ALA A H3   1 
ATOM 9   H HA   . ALA A 1 1  ? 4.485  10.755  3.933   1.00 0.00 ? 1  ALA A HA   1 
ATOM 10  H HB1  . ALA A 1 1  ? 6.172  10.441  6.049   1.00 0.00 ? 1  ALA A HB1  1 
ATOM 11  H HB2  . ALA A 1 1  ? 7.205  10.916  4.925   1.00 0.00 ? 1  ALA A HB2  1 
ATOM 12  H HB3  . ALA A 1 1  ? 5.893  11.525  4.327   1.00 0.00 ? 1  ALA A HB3  1 
ATOM 13  N N    . PRO A 1 2  ? 4.934  7.802   4.451   1.00 0.00 ? 2  PRO A N    1 
ATOM 14  C CA   . PRO A 1 2  ? 5.100  6.773   3.546   1.00 0.00 ? 2  PRO A CA   1 
ATOM 15  C C    . PRO A 1 2  ? 4.427  7.901   2.731   1.00 0.00 ? 2  PRO A C    1 
ATOM 16  O O    . PRO A 1 2  ? 3.529  8.743   2.923   1.00 0.00 ? 2  PRO A O    1 
ATOM 17  C CB   . PRO A 1 2  ? 4.255  5.761   3.862   1.00 0.00 ? 2  PRO A CB   1 
ATOM 18  C CG   . PRO A 1 2  ? 3.169  6.472   4.254   1.00 0.00 ? 2  PRO A CG   1 
ATOM 19  C CD   . PRO A 1 2  ? 3.601  7.525   5.188   1.00 0.00 ? 2  PRO A CD   1 
ATOM 20  H HA   . PRO A 1 2  ? 6.114  6.462   3.313   1.00 0.00 ? 2  PRO A HA   1 
ATOM 21  H HB2  . PRO A 1 2  ? 4.056  5.093   3.023   1.00 0.00 ? 2  PRO A HB2  1 
ATOM 22  H HB3  . PRO A 1 2  ? 5.032  5.486   4.578   1.00 0.00 ? 2  PRO A HB3  1 
ATOM 23  H HG2  . PRO A 1 2  ? 2.356  6.412   3.479   1.00 0.00 ? 2  PRO A HG2  1 
ATOM 24  H HG3  . PRO A 1 2  ? 3.237  5.804   5.024   1.00 0.00 ? 2  PRO A HG3  1 
ATOM 25  H HD2  . PRO A 1 2  ? 2.727  8.179   5.110   1.00 0.00 ? 2  PRO A HD2  1 
ATOM 26  H HD3  . PRO A 1 2  ? 3.819  7.192   6.191   1.00 0.00 ? 2  PRO A HD3  1 
ATOM 27  N N    . LEU A 1 3  ? 5.244  7.702   1.855   1.00 0.00 ? 3  LEU A N    1 
ATOM 28  C CA   . LEU A 1 3  ? 4.938  8.571   0.870   1.00 0.00 ? 3  LEU A CA   1 
ATOM 29  C C    . LEU A 1 3  ? 5.070  7.297   0.187   1.00 0.00 ? 3  LEU A C    1 
ATOM 30  O O    . LEU A 1 3  ? 6.044  6.584   -0.132  1.00 0.00 ? 3  LEU A O    1 
ATOM 31  C CB   . LEU A 1 3  ? 5.747  8.950   0.073   1.00 0.00 ? 3  LEU A CB   1 
ATOM 32  C CG   . LEU A 1 3  ? 7.078  9.466   0.610   1.00 0.00 ? 3  LEU A CG   1 
ATOM 33  C CD1  . LEU A 1 3  ? 6.921  10.873  0.206   1.00 0.00 ? 3  LEU A CD1  1 
ATOM 34  C CD2  . LEU A 1 3  ? 7.648  10.342  1.991   1.00 0.00 ? 3  LEU A CD2  1 
ATOM 35  H H    . LEU A 1 3  ? 5.880  6.970   1.830   1.00 0.00 ? 3  LEU A H    1 
ATOM 36  H HA   . LEU A 1 3  ? 3.930  9.055   0.969   1.00 0.00 ? 3  LEU A HA   1 
ATOM 37  H HB2  . LEU A 1 3  ? 5.289  9.697   0.573   1.00 0.00 ? 3  LEU A HB2  1 
ATOM 38  H HB3  . LEU A 1 3  ? 5.290  9.080   -0.941  1.00 0.00 ? 3  LEU A HB3  1 
ATOM 39  H HG   . LEU A 1 3  ? 7.167  8.604   1.296   1.00 0.00 ? 3  LEU A HG   1 
ATOM 40  H HD11 . LEU A 1 3  ? 5.830  11.171  0.130   1.00 0.00 ? 3  LEU A HD11 1 
ATOM 41  H HD12 . LEU A 1 3  ? 7.453  10.023  -0.194  1.00 0.00 ? 3  LEU A HD12 1 
ATOM 42  H HD13 . LEU A 1 3  ? 6.994  10.948  -0.809  1.00 0.00 ? 3  LEU A HD13 1 
ATOM 43  H HD21 . LEU A 1 3  ? 7.038  11.052  2.496   1.00 0.00 ? 3  LEU A HD21 1 
ATOM 44  H HD22 . LEU A 1 3  ? 7.888  9.768   2.842   1.00 0.00 ? 3  LEU A HD22 1 
ATOM 45  H HD23 . LEU A 1 3  ? 8.498  11.008  1.669   1.00 0.00 ? 3  LEU A HD23 1 
ATOM 46  N N    . GLU A 1 4  ? 3.824  7.176   0.336   1.00 0.00 ? 4  GLU A N    1 
ATOM 47  C CA   . GLU A 1 4  ? 2.957  6.445   -0.032  1.00 0.00 ? 4  GLU A CA   1 
ATOM 48  C C    . GLU A 1 4  ? 3.573  5.591   -0.894  1.00 0.00 ? 4  GLU A C    1 
ATOM 49  O O    . GLU A 1 4  ? 4.623  5.619   -1.542  1.00 0.00 ? 4  GLU A O    1 
ATOM 50  C CB   . GLU A 1 4  ? 2.000  7.439   -0.522  1.00 0.00 ? 4  GLU A CB   1 
ATOM 51  C CG   . GLU A 1 4  ? 0.959  8.285   0.474   1.00 0.00 ? 4  GLU A CG   1 
ATOM 52  C CD   . GLU A 1 4  ? 1.577  9.589   -0.273  1.00 0.00 ? 4  GLU A CD   1 
ATOM 53  O OE1  . GLU A 1 4  ? 2.164  10.484  -0.856  1.00 0.00 ? 4  GLU A OE1  1 
ATOM 54  O OE2  . GLU A 1 4  ? 2.020  10.056  0.725   1.00 0.00 ? 4  GLU A OE2  1 
ATOM 55  H H    . GLU A 1 4  ? 3.257  7.796   0.801   1.00 0.00 ? 4  GLU A H    1 
ATOM 56  H HA   . GLU A 1 4  ? 2.881  5.996   0.972   1.00 0.00 ? 4  GLU A HA   1 
ATOM 57  H HB2  . GLU A 1 4  ? 2.764  8.056   -1.082  1.00 0.00 ? 4  GLU A HB2  1 
ATOM 58  H HB3  . GLU A 1 4  ? 1.465  7.070   -1.342  1.00 0.00 ? 4  GLU A HB3  1 
ATOM 59  H HG2  . GLU A 1 4  ? 1.510  7.798   1.314   1.00 0.00 ? 4  GLU A HG2  1 
ATOM 60  H HG3  . GLU A 1 4  ? 0.555  8.778   1.388   1.00 0.00 ? 4  GLU A HG3  1 
ATOM 61  N N    . PRO A 1 5  ? 2.659  4.762   -0.964  1.00 0.00 ? 5  PRO A N    1 
ATOM 62  C CA   . PRO A 1 5  ? 2.955  3.814   -1.842  1.00 0.00 ? 5  PRO A CA   1 
ATOM 63  C C    . PRO A 1 5  ? 2.880  4.612   -3.118  1.00 0.00 ? 5  PRO A C    1 
ATOM 64  O O    . PRO A 1 5  ? 2.722  5.815   -3.322  1.00 0.00 ? 5  PRO A O    1 
ATOM 65  C CB   . PRO A 1 5  ? 1.961  2.920   -1.590  1.00 0.00 ? 5  PRO A CB   1 
ATOM 66  C CG   . PRO A 1 5  ? 1.264  3.285   -0.342  1.00 0.00 ? 5  PRO A CG   1 
ATOM 67  C CD   . PRO A 1 5  ? 1.324  4.616   -0.279  1.00 0.00 ? 5  PRO A CD   1 
ATOM 68  H HA   . PRO A 1 5  ? 3.980  3.467   -1.654  1.00 0.00 ? 5  PRO A HA   1 
ATOM 69  H HB2  . PRO A 1 5  ? 1.250  3.047   -2.370  1.00 0.00 ? 5  PRO A HB2  1 
ATOM 70  H HB3  . PRO A 1 5  ? 2.492  1.996   -1.484  1.00 0.00 ? 5  PRO A HB3  1 
ATOM 71  H HG2  . PRO A 1 5  ? 0.207  3.189   -0.474  1.00 0.00 ? 5  PRO A HG2  1 
ATOM 72  H HG3  . PRO A 1 5  ? 1.704  2.873   0.549   1.00 0.00 ? 5  PRO A HG3  1 
ATOM 73  H HD2  . PRO A 1 5  ? 0.500  5.138   -0.757  1.00 0.00 ? 5  PRO A HD2  1 
ATOM 74  H HD3  . PRO A 1 5  ? 1.341  4.736   0.793   1.00 0.00 ? 5  PRO A HD3  1 
ATOM 75  N N    . GLU A 1 6  ? 3.054  3.677   -3.903  1.00 0.00 ? 6  GLU A N    1 
ATOM 76  C CA   . GLU A 1 6  ? 3.100  3.937   -5.273  1.00 0.00 ? 6  GLU A CA   1 
ATOM 77  C C    . GLU A 1 6  ? 2.347  3.003   -5.932  1.00 0.00 ? 6  GLU A C    1 
ATOM 78  O O    . GLU A 1 6  ? 2.448  1.826   -5.663  1.00 0.00 ? 6  GLU A O    1 
ATOM 79  C CB   . GLU A 1 6  ? 4.362  3.743   -5.604  1.00 0.00 ? 6  GLU A CB   1 
ATOM 80  C CG   . GLU A 1 6  ? 5.249  4.840   -5.865  1.00 0.00 ? 6  GLU A CG   1 
ATOM 81  C CD   . GLU A 1 6  ? 6.082  4.867   -7.052  1.00 0.00 ? 6  GLU A CD   1 
ATOM 82  O OE1  . GLU A 1 6  ? 5.566  4.667   -8.160  1.00 0.00 ? 6  GLU A OE1  1 
ATOM 83  O OE2  . GLU A 1 6  ? 7.217  5.088   -6.694  1.00 0.00 ? 6  GLU A OE2  1 
ATOM 84  H H    . GLU A 1 6  ? 3.173  2.772   -3.577  1.00 0.00 ? 6  GLU A H    1 
ATOM 85  H HA   . GLU A 1 6  ? 2.580  4.891   -5.409  1.00 0.00 ? 6  GLU A HA   1 
ATOM 86  H HB2  . GLU A 1 6  ? 4.535  2.620   -5.603  1.00 0.00 ? 6  GLU A HB2  1 
ATOM 87  H HB3  . GLU A 1 6  ? 4.786  4.013   -4.653  1.00 0.00 ? 6  GLU A HB3  1 
ATOM 88  H HG2  . GLU A 1 6  ? 4.495  5.563   -6.157  1.00 0.00 ? 6  GLU A HG2  1 
ATOM 89  H HG3  . GLU A 1 6  ? 5.429  3.853   -6.224  1.00 0.00 ? 6  GLU A HG3  1 
ATOM 90  N N    . TYR A 1 7  ? 1.688  3.613   -6.818  1.00 0.00 ? 7  TYR A N    1 
ATOM 91  C CA   . TYR A 1 7  ? 0.837  2.829   -7.604  1.00 0.00 ? 7  TYR A CA   1 
ATOM 92  C C    . TYR A 1 7  ? 1.141  3.229   -8.964  1.00 0.00 ? 7  TYR A C    1 
ATOM 93  O O    . TYR A 1 7  ? 1.183  4.414   -9.246  1.00 0.00 ? 7  TYR A O    1 
ATOM 94  C CB   . TYR A 1 7  ? -0.331 3.217   -7.207  1.00 0.00 ? 7  TYR A CB   1 
ATOM 95  C CG   . TYR A 1 7  ? -1.458 2.520   -7.926  1.00 0.00 ? 7  TYR A CG   1 
ATOM 96  C CD1  . TYR A 1 7  ? -1.903 1.253   -7.524  1.00 0.00 ? 7  TYR A CD1  1 
ATOM 97  C CD2  . TYR A 1 7  ? -2.131 3.199   -8.897  1.00 0.00 ? 7  TYR A CD2  1 
ATOM 98  C CE1  . TYR A 1 7  ? -3.063 0.684   -8.081  1.00 0.00 ? 7  TYR A CE1  1 
ATOM 99  C CE2  . TYR A 1 7  ? -3.220 2.566   -9.438  1.00 0.00 ? 7  TYR A CE2  1 
ATOM 100 C CZ   . TYR A 1 7  ? -3.671 1.354   -9.036  1.00 0.00 ? 7  TYR A CZ   1 
ATOM 101 O OH   . TYR A 1 7  ? -4.797 0.763   -9.559  1.00 0.00 ? 7  TYR A OH   1 
ATOM 102 H H    . TYR A 1 7  ? 1.741  4.586   -6.969  1.00 0.00 ? 7  TYR A H    1 
ATOM 103 H HA   . TYR A 1 7  ? 0.929  1.781   -7.360  1.00 0.00 ? 7  TYR A HA   1 
ATOM 104 H HB2  . TYR A 1 7  ? -0.314 2.830   -6.224  1.00 0.00 ? 7  TYR A HB2  1 
ATOM 105 H HB3  . TYR A 1 7  ? -0.406 4.303   -7.110  1.00 0.00 ? 7  TYR A HB3  1 
ATOM 106 H HD1  . TYR A 1 7  ? -1.315 0.753   -6.775  1.00 0.00 ? 7  TYR A HD1  1 
ATOM 107 H HD2  . TYR A 1 7  ? -1.753 4.138   -9.295  1.00 0.00 ? 7  TYR A HD2  1 
ATOM 108 H HE1  . TYR A 1 7  ? -3.562 -0.268  -7.906  1.00 0.00 ? 7  TYR A HE1  1 
ATOM 109 H HE2  . TYR A 1 7  ? -3.819 3.033   -10.175 1.00 0.00 ? 7  TYR A HE2  1 
ATOM 110 H HH   . TYR A 1 7  ? -5.528 1.346   -9.358  1.00 0.00 ? 7  TYR A HH   1 
ATOM 111 N N    . PRO A 1 8  ? 1.369  2.278   -9.789  1.00 0.00 ? 8  PRO A N    1 
ATOM 112 C CA   . PRO A 1 8  ? 1.434  2.589   -11.190 1.00 0.00 ? 8  PRO A CA   1 
ATOM 113 C C    . PRO A 1 8  ? 0.314  3.448   -11.600 1.00 0.00 ? 8  PRO A C    1 
ATOM 114 O O    . PRO A 1 8  ? 0.390  4.657   -11.682 1.00 0.00 ? 8  PRO A O    1 
ATOM 115 C CB   . PRO A 1 8  ? 1.469  1.252   -11.865 1.00 0.00 ? 8  PRO A CB   1 
ATOM 116 C CG   . PRO A 1 8  ? 2.127  0.409   -10.873 1.00 0.00 ? 8  PRO A CG   1 
ATOM 117 C CD   . PRO A 1 8  ? 1.619  0.849   -9.519  1.00 0.00 ? 8  PRO A CD   1 
ATOM 118 H HA   . PRO A 1 8  ? 2.312  3.186   -11.320 1.00 0.00 ? 8  PRO A HA   1 
ATOM 119 H HB2  . PRO A 1 8  ? 0.553  0.709   -12.080 1.00 0.00 ? 8  PRO A HB2  1 
ATOM 120 H HB3  . PRO A 1 8  ? 2.092  1.375   -12.731 1.00 0.00 ? 8  PRO A HB3  1 
ATOM 121 H HG2  . PRO A 1 8  ? 1.767  -0.583  -11.070 1.00 0.00 ? 8  PRO A HG2  1 
ATOM 122 H HG3  . PRO A 1 8  ? 3.186  0.540   -11.004 1.00 0.00 ? 8  PRO A HG3  1 
ATOM 123 H HD2  . PRO A 1 8  ? 0.741  0.325   -9.168  1.00 0.00 ? 8  PRO A HD2  1 
ATOM 124 H HD3  . PRO A 1 8  ? 2.449  0.773   -8.832  1.00 0.00 ? 8  PRO A HD3  1 
ATOM 125 N N    . GLY A 1 9  ? -0.735 2.777   -11.834 1.00 0.00 ? 9  GLY A N    1 
ATOM 126 C CA   . GLY A 1 9  ? -1.820 3.600   -12.276 1.00 0.00 ? 9  GLY A CA   1 
ATOM 127 C C    . GLY A 1 9  ? -2.901 2.706   -12.489 1.00 0.00 ? 9  GLY A C    1 
ATOM 128 O O    . GLY A 1 9  ? -4.003 3.204   -12.576 1.00 0.00 ? 9  GLY A O    1 
ATOM 129 H H    . GLY A 1 9  ? -0.787 1.803   -11.721 1.00 0.00 ? 9  GLY A H    1 
ATOM 130 H HA2  . GLY A 1 9  ? -2.083 4.339   -11.537 1.00 0.00 ? 9  GLY A HA2  1 
ATOM 131 H HA3  . GLY A 1 9  ? -1.507 4.040   -13.210 1.00 0.00 ? 9  GLY A HA3  1 
ATOM 132 N N    . ASP A 1 10 ? -2.619 1.435   -12.585 1.00 0.00 ? 10 ASP A N    1 
ATOM 133 C CA   . ASP A 1 10 ? -3.820 0.675   -12.807 1.00 0.00 ? 10 ASP A CA   1 
ATOM 134 C C    . ASP A 1 10 ? -3.749 -0.682  -12.728 1.00 0.00 ? 10 ASP A C    1 
ATOM 135 O O    . ASP A 1 10 ? -4.375 -1.421  -11.992 1.00 0.00 ? 10 ASP A O    1 
ATOM 136 C CB   . ASP A 1 10 ? -4.279 0.963   -14.230 1.00 0.00 ? 10 ASP A CB   1 
ATOM 137 C CG   . ASP A 1 10 ? -5.500 1.654   -14.272 1.00 0.00 ? 10 ASP A CG   1 
ATOM 138 O OD1  . ASP A 1 10 ? -6.384 0.967   -13.701 1.00 0.00 ? 10 ASP A OD1  1 
ATOM 139 O OD2  . ASP A 1 10 ? -5.283 2.732   -14.864 1.00 0.00 ? 10 ASP A OD2  1 
ATOM 140 H H    . ASP A 1 10 ? -1.734 1.011   -12.486 1.00 0.00 ? 10 ASP A H    1 
ATOM 141 H HA   . ASP A 1 10 ? -4.440 0.869   -11.974 1.00 0.00 ? 10 ASP A HA   1 
ATOM 142 H HB2  . ASP A 1 10 ? -3.417 1.459   -14.624 1.00 0.00 ? 10 ASP A HB2  1 
ATOM 143 H HB3  . ASP A 1 10 ? -4.365 0.171   -14.945 1.00 0.00 ? 10 ASP A HB3  1 
ATOM 144 N N    . ASN A 1 11 ? -2.875 -1.005  -13.550 1.00 0.00 ? 11 ASN A N    1 
ATOM 145 C CA   . ASN A 1 11 ? -2.743 -2.428  -13.616 1.00 0.00 ? 11 ASN A CA   1 
ATOM 146 C C    . ASN A 1 11 ? -1.802 -2.666  -14.564 1.00 0.00 ? 11 ASN A C    1 
ATOM 147 O O    . ASN A 1 11 ? -1.935 -2.823  -15.769 1.00 0.00 ? 11 ASN A O    1 
ATOM 148 C CB   . ASN A 1 11 ? -3.841 -3.282  -14.076 1.00 0.00 ? 11 ASN A CB   1 
ATOM 149 C CG   . ASN A 1 11 ? -4.696 -2.500  -15.032 1.00 0.00 ? 11 ASN A CG   1 
ATOM 150 O OD1  . ASN A 1 11 ? -5.528 -1.754  -14.571 1.00 0.00 ? 11 ASN A OD1  1 
ATOM 151 N ND2  . ASN A 1 11 ? -4.556 -2.593  -16.322 1.00 0.00 ? 11 ASN A ND2  1 
ATOM 152 H H    . ASN A 1 11 ? -2.391 -0.282  -14.007 1.00 0.00 ? 11 ASN A H    1 
ATOM 153 H HA   . ASN A 1 11 ? -2.528 -2.777  -12.607 1.00 0.00 ? 11 ASN A HA   1 
ATOM 154 H HB2  . ASN A 1 11 ? -3.497 -4.238  -14.486 1.00 0.00 ? 11 ASN A HB2  1 
ATOM 155 H HB3  . ASN A 1 11 ? -4.334 -3.442  -13.153 1.00 0.00 ? 11 ASN A HB3  1 
ATOM 156 H HD21 . ASN A 1 11 ? -3.848 -3.134  -16.737 1.00 0.00 ? 11 ASN A HD21 1 
ATOM 157 H HD22 . ASN A 1 11 ? -5.197 -2.105  -16.872 1.00 0.00 ? 11 ASN A HD22 1 
ATOM 158 N N    . ALA A 1 12 ? -0.822 -2.602  -13.826 1.00 0.00 ? 12 ALA A N    1 
ATOM 159 C CA   . ALA A 1 12 ? 0.417  -2.835  -14.448 1.00 0.00 ? 12 ALA A CA   1 
ATOM 160 C C    . ALA A 1 12 ? 0.228  -4.205  -15.082 1.00 0.00 ? 12 ALA A C    1 
ATOM 161 O O    . ALA A 1 12 ? 0.043  -4.298  -16.273 1.00 0.00 ? 12 ALA A O    1 
ATOM 162 C CB   . ALA A 1 12 ? 1.202  -2.840  -13.411 1.00 0.00 ? 12 ALA A CB   1 
ATOM 163 H H    . ALA A 1 12 ? -0.915 -2.351  -12.865 1.00 0.00 ? 12 ALA A H    1 
ATOM 164 H HA   . ALA A 1 12 ? 0.645  -2.146  -15.212 1.00 0.00 ? 12 ALA A HA   1 
ATOM 165 H HB1  . ALA A 1 12 ? 0.616  -3.472  -12.759 1.00 0.00 ? 12 ALA A HB1  1 
ATOM 166 H HB2  . ALA A 1 12 ? 2.080  -3.346  -13.747 1.00 0.00 ? 12 ALA A HB2  1 
ATOM 167 H HB3  . ALA A 1 12 ? 1.309  -1.824  -13.040 1.00 0.00 ? 12 ALA A HB3  1 
ATOM 168 N N    . THR A 1 13 ? 0.253  -5.230  -14.310 1.00 0.00 ? 13 THR A N    1 
ATOM 169 C CA   . THR A 1 13 ? 0.072  -6.563  -14.880 1.00 0.00 ? 13 THR A CA   1 
ATOM 170 C C    . THR A 1 13 ? -0.887 -7.123  -13.825 1.00 0.00 ? 13 THR A C    1 
ATOM 171 O O    . THR A 1 13 ? -1.200 -6.427  -12.873 1.00 0.00 ? 13 THR A O    1 
ATOM 172 C CB   . THR A 1 13 ? 1.517  -7.042  -14.942 1.00 0.00 ? 13 THR A CB   1 
ATOM 173 O OG1  . THR A 1 13 ? 1.972  -6.928  -13.595 1.00 0.00 ? 13 THR A OG1  1 
ATOM 174 C CG2  . THR A 1 13 ? 2.425  -6.110  -15.832 1.00 0.00 ? 13 THR A CG2  1 
ATOM 175 H H    . THR A 1 13 ? 0.406  -5.192  -13.342 1.00 0.00 ? 13 THR A H    1 
ATOM 176 H HA   . THR A 1 13 ? -0.462 -6.535  -15.823 1.00 0.00 ? 13 THR A HA   1 
ATOM 177 H HB   . THR A 1 13 ? 1.651  -8.039  -15.334 1.00 0.00 ? 13 THR A HB   1 
ATOM 178 H HG1  . THR A 1 13 ? 1.258  -6.555  -13.061 1.00 0.00 ? 13 THR A HG1  1 
ATOM 179 H HG21 . THR A 1 13 ? 2.497  -5.033  -15.669 1.00 0.00 ? 13 THR A HG21 1 
ATOM 180 H HG22 . THR A 1 13 ? 3.395  -6.506  -15.624 1.00 0.00 ? 13 THR A HG22 1 
ATOM 181 H HG23 . THR A 1 13 ? 2.157  -6.274  -16.869 1.00 0.00 ? 13 THR A HG23 1 
ATOM 182 N N    . PRO A 1 14 ? -1.334 -8.340  -14.024 1.00 0.00 ? 14 PRO A N    1 
ATOM 183 C CA   . PRO A 1 14 ? -2.363 -9.006  -13.164 1.00 0.00 ? 14 PRO A CA   1 
ATOM 184 C C    . PRO A 1 14 ? -1.923 -9.385  -11.791 1.00 0.00 ? 14 PRO A C    1 
ATOM 185 O O    . PRO A 1 14 ? -2.199 -10.455 -11.281 1.00 0.00 ? 14 PRO A O    1 
ATOM 186 C CB   . PRO A 1 14 ? -2.751 -10.214 -13.921 1.00 0.00 ? 14 PRO A CB   1 
ATOM 187 C CG   . PRO A 1 14 ? -1.792 -10.379 -15.060 1.00 0.00 ? 14 PRO A CG   1 
ATOM 188 C CD   . PRO A 1 14 ? -0.896 -9.232  -15.139 1.00 0.00 ? 14 PRO A CD   1 
ATOM 189 H HA   . PRO A 1 14 ? -3.181 -8.314  -13.056 1.00 0.00 ? 14 PRO A HA   1 
ATOM 190 H HB2  . PRO A 1 14 ? -2.558 -11.147 -13.406 1.00 0.00 ? 14 PRO A HB2  1 
ATOM 191 H HB3  . PRO A 1 14 ? -3.771 -10.121 -14.237 1.00 0.00 ? 14 PRO A HB3  1 
ATOM 192 H HG2  . PRO A 1 14 ? -1.162 -11.247 -14.925 1.00 0.00 ? 14 PRO A HG2  1 
ATOM 193 H HG3  . PRO A 1 14 ? -2.382 -10.435 -15.954 1.00 0.00 ? 14 PRO A HG3  1 
ATOM 194 H HD2  . PRO A 1 14 ? 0.105  -9.623  -15.023 1.00 0.00 ? 14 PRO A HD2  1 
ATOM 195 H HD3  . PRO A 1 14 ? -1.093 -8.814  -16.116 1.00 0.00 ? 14 PRO A HD3  1 
ATOM 196 N N    . GLU A 1 15 ? -1.257 -8.475  -11.199 1.00 0.00 ? 15 GLU A N    1 
ATOM 197 C CA   . GLU A 1 15 ? -0.767 -8.788  -9.859  1.00 0.00 ? 15 GLU A CA   1 
ATOM 198 C C    . GLU A 1 15 ? -0.235 -7.682  -9.188  1.00 0.00 ? 15 GLU A C    1 
ATOM 199 O O    . GLU A 1 15 ? -0.137 -7.593  -7.989  1.00 0.00 ? 15 GLU A O    1 
ATOM 200 C CB   . GLU A 1 15 ? 0.258  -9.686  -9.990  1.00 0.00 ? 15 GLU A CB   1 
ATOM 201 C CG   . GLU A 1 15 ? 1.206  -9.197  -11.194 1.00 0.00 ? 15 GLU A CG   1 
ATOM 202 C CD   . GLU A 1 15 ? 1.895  -10.466 -11.592 1.00 0.00 ? 15 GLU A CD   1 
ATOM 203 O OE1  . GLU A 1 15 ? 2.247  -11.241 -10.714 1.00 0.00 ? 15 GLU A OE1  1 
ATOM 204 O OE2  . GLU A 1 15 ? 2.019  -10.576 -12.796 1.00 0.00 ? 15 GLU A OE2  1 
ATOM 205 H H    . GLU A 1 15 ? -1.091 -7.615  -11.602 1.00 0.00 ? 15 GLU A H    1 
ATOM 206 H HA   . GLU A 1 15 ? -1.609 -9.104  -9.283  1.00 0.00 ? 15 GLU A HA   1 
ATOM 207 H HB2  . GLU A 1 15 ? 0.862  -9.619  -9.099  1.00 0.00 ? 15 GLU A HB2  1 
ATOM 208 H HB3  . GLU A 1 15 ? -0.127 -10.682 -10.106 1.00 0.00 ? 15 GLU A HB3  1 
ATOM 209 H HG2  . GLU A 1 15 ? 0.734  -8.817  -12.104 1.00 0.00 ? 15 GLU A HG2  1 
ATOM 210 H HG3  . GLU A 1 15 ? 1.940  -8.456  -10.885 1.00 0.00 ? 15 GLU A HG3  1 
ATOM 211 N N    . GLN A 1 16 ? 0.192  -6.839  -10.026 1.00 0.00 ? 16 GLN A N    1 
ATOM 212 C CA   . GLN A 1 16 ? 0.757  -5.702  -9.410  1.00 0.00 ? 16 GLN A CA   1 
ATOM 213 C C    . GLN A 1 16 ? -0.018 -5.045  -8.427  1.00 0.00 ? 16 GLN A C    1 
ATOM 214 O O    . GLN A 1 16 ? 0.442  -4.511  -7.453  1.00 0.00 ? 16 GLN A O    1 
ATOM 215 C CB   . GLN A 1 16 ? 0.822  -4.624  -10.272 1.00 0.00 ? 16 GLN A CB   1 
ATOM 216 C CG   . GLN A 1 16 ? 1.683  -4.559  -11.246 1.00 0.00 ? 16 GLN A CG   1 
ATOM 217 C CD   . GLN A 1 16 ? 3.137  -4.301  -11.374 1.00 0.00 ? 16 GLN A CD   1 
ATOM 218 O OE1  . GLN A 1 16 ? 3.703  -3.583  -10.695 1.00 0.00 ? 16 GLN A OE1  1 
ATOM 219 N NE2  . GLN A 1 16 ? 3.908  -4.882  -12.220 1.00 0.00 ? 16 GLN A NE2  1 
ATOM 220 H H    . GLN A 1 16 ? 0.250  -6.924  -11.007 1.00 0.00 ? 16 GLN A H    1 
ATOM 221 H HA   . GLN A 1 16 ? 1.669  -5.999  -8.947  1.00 0.00 ? 16 GLN A HA   1 
ATOM 222 H HB2  . GLN A 1 16 ? 0.235  -5.047  -11.046 1.00 0.00 ? 16 GLN A HB2  1 
ATOM 223 H HB3  . GLN A 1 16 ? 0.223  -3.727  -10.025 1.00 0.00 ? 16 GLN A HB3  1 
ATOM 224 H HG2  . GLN A 1 16 ? 2.053  -4.553  -10.302 1.00 0.00 ? 16 GLN A HG2  1 
ATOM 225 H HG3  . GLN A 1 16 ? 1.461  -3.519  -11.299 1.00 0.00 ? 16 GLN A HG3  1 
ATOM 226 H HE21 . GLN A 1 16 ? 3.354  -5.317  -12.653 1.00 0.00 ? 16 GLN A HE21 1 
ATOM 227 H HE22 . GLN A 1 16 ? 4.845  -4.951  -12.537 1.00 0.00 ? 16 GLN A HE22 1 
ATOM 228 N N    . MET A 1 17 ? -1.205 -5.098  -8.868  1.00 0.00 ? 17 MET A N    1 
ATOM 229 C CA   . MET A 1 17 ? -2.152 -4.506  -8.004  1.00 0.00 ? 17 MET A CA   1 
ATOM 230 C C    . MET A 1 17 ? -2.030 -5.157  -6.619  1.00 0.00 ? 17 MET A C    1 
ATOM 231 O O    . MET A 1 17 ? -2.107 -4.503  -5.623  1.00 0.00 ? 17 MET A O    1 
ATOM 232 C CB   . MET A 1 17 ? -3.353 -4.804  -8.280  1.00 0.00 ? 17 MET A CB   1 
ATOM 233 C CG   . MET A 1 17 ? -3.991 -4.762  -9.472  1.00 0.00 ? 17 MET A CG   1 
ATOM 234 S SD   . MET A 1 17 ? -4.997 -6.146  -8.868  1.00 0.00 ? 17 MET A SD   1 
ATOM 235 C CE   . MET A 1 17 ? -6.516 -5.486  -9.357  1.00 0.00 ? 17 MET A CE   1 
ATOM 236 H H    . MET A 1 17 ? -1.416 -5.538  -9.735  1.00 0.00 ? 17 MET A H    1 
ATOM 237 H HA   . MET A 1 17 ? -1.983 -3.433  -7.980  1.00 0.00 ? 17 MET A HA   1 
ATOM 238 H HB2  . MET A 1 17 ? -3.294 -5.853  -8.031  1.00 0.00 ? 17 MET A HB2  1 
ATOM 239 H HB3  . MET A 1 17 ? -3.972 -4.187  -7.659  1.00 0.00 ? 17 MET A HB3  1 
ATOM 240 H HG2  . MET A 1 17 ? -4.320 -3.722  -9.468  1.00 0.00 ? 17 MET A HG2  1 
ATOM 241 H HG3  . MET A 1 17 ? -3.483 -5.002  -10.382 1.00 0.00 ? 17 MET A HG3  1 
ATOM 242 H HE1  . MET A 1 17 ? -6.319 -4.489  -9.714  1.00 0.00 ? 17 MET A HE1  1 
ATOM 243 H HE2  . MET A 1 17 ? -6.468 -6.286  -10.085 1.00 0.00 ? 17 MET A HE2  1 
ATOM 244 H HE3  . MET A 1 17 ? -7.032 -5.595  -8.414  1.00 0.00 ? 17 MET A HE3  1 
ATOM 245 N N    . ALA A 1 18 ? -1.903 -6.471  -6.681  1.00 0.00 ? 18 ALA A N    1 
ATOM 246 C CA   . ALA A 1 18 ? -1.824 -7.221  -5.429  1.00 0.00 ? 18 ALA A CA   1 
ATOM 247 C C    . ALA A 1 18 ? -0.710 -6.657  -4.632  1.00 0.00 ? 18 ALA A C    1 
ATOM 248 O O    . ALA A 1 18 ? -0.863 -6.189  -3.527  1.00 0.00 ? 18 ALA A O    1 
ATOM 249 C CB   . ALA A 1 18 ? -1.628 -8.692  -5.763  1.00 0.00 ? 18 ALA A CB   1 
ATOM 250 H H    . ALA A 1 18 ? -1.847 -6.930  -7.555  1.00 0.00 ? 18 ALA A H    1 
ATOM 251 H HA   . ALA A 1 18 ? -2.757 -7.039  -4.937  1.00 0.00 ? 18 ALA A HA   1 
ATOM 252 H HB1  . ALA A 1 18 ? -1.550 -8.876  -6.823  1.00 0.00 ? 18 ALA A HB1  1 
ATOM 253 H HB2  . ALA A 1 18 ? -0.748 -9.049  -5.252  1.00 0.00 ? 18 ALA A HB2  1 
ATOM 254 H HB3  . ALA A 1 18 ? -2.506 -9.210  -5.406  1.00 0.00 ? 18 ALA A HB3  1 
ATOM 255 N N    . GLN A 1 19 ? 0.407  -6.724  -5.250  1.00 0.00 ? 19 GLN A N    1 
ATOM 256 C CA   . GLN A 1 19 ? 1.609  -6.197  -4.609  1.00 0.00 ? 19 GLN A CA   1 
ATOM 257 C C    . GLN A 1 19 ? 1.446  -4.875  -3.984  1.00 0.00 ? 19 GLN A C    1 
ATOM 258 O O    . GLN A 1 19 ? 1.728  -4.559  -2.848  1.00 0.00 ? 19 GLN A O    1 
ATOM 259 C CB   . GLN A 1 19 ? 2.680  -6.073  -5.660  1.00 0.00 ? 19 GLN A CB   1 
ATOM 260 C CG   . GLN A 1 19 ? 3.399  -7.251  -5.664  1.00 0.00 ? 19 GLN A CG   1 
ATOM 261 C CD   . GLN A 1 19 ? 4.808  -7.566  -5.524  1.00 0.00 ? 19 GLN A CD   1 
ATOM 262 O OE1  . GLN A 1 19 ? 5.067  -8.749  -5.555  1.00 0.00 ? 19 GLN A OE1  1 
ATOM 263 N NE2  . GLN A 1 19 ? 5.737  -6.653  -5.363  1.00 0.00 ? 19 GLN A NE2  1 
ATOM 264 H H    . GLN A 1 19 ? 0.452  -7.124  -6.145  1.00 0.00 ? 19 GLN A H    1 
ATOM 265 H HA   . GLN A 1 19 ? 1.782  -6.876  -3.778  1.00 0.00 ? 19 GLN A HA   1 
ATOM 266 H HB2  . GLN A 1 19 ? 2.146  -6.269  -6.560  1.00 0.00 ? 19 GLN A HB2  1 
ATOM 267 H HB3  . GLN A 1 19 ? 3.160  -5.106  -5.739  1.00 0.00 ? 19 GLN A HB3  1 
ATOM 268 H HG2  . GLN A 1 19 ? 2.776  -8.122  -5.511  1.00 0.00 ? 19 GLN A HG2  1 
ATOM 269 H HG3  . GLN A 1 19 ? 3.613  -6.748  -4.742  1.00 0.00 ? 19 GLN A HG3  1 
ATOM 270 H HE21 . GLN A 1 19 ? 5.577  -5.680  -5.348  1.00 0.00 ? 19 GLN A HE21 1 
ATOM 271 H HE22 . GLN A 1 19 ? 6.639  -6.985  -5.210  1.00 0.00 ? 19 GLN A HE22 1 
ATOM 272 N N    . TYR A 1 20 ? 0.972  -4.102  -4.872  1.00 0.00 ? 20 TYR A N    1 
ATOM 273 C CA   . TYR A 1 20 ? 0.726  -2.756  -4.516  1.00 0.00 ? 20 TYR A CA   1 
ATOM 274 C C    . TYR A 1 20 ? -0.174 -2.640  -3.282  1.00 0.00 ? 20 TYR A C    1 
ATOM 275 O O    . TYR A 1 20 ? 0.119  -1.913  -2.357  1.00 0.00 ? 20 TYR A O    1 
ATOM 276 C CB   . TYR A 1 20 ? 0.128  -2.173  -5.692  1.00 0.00 ? 20 TYR A CB   1 
ATOM 277 C CG   . TYR A 1 20 ? -0.351 -0.875  -5.134  1.00 0.00 ? 20 TYR A CG   1 
ATOM 278 C CD1  . TYR A 1 20 ? 0.618  0.075   -4.933  1.00 0.00 ? 20 TYR A CD1  1 
ATOM 279 C CD2  . TYR A 1 20 ? -1.706 -0.647  -4.835  1.00 0.00 ? 20 TYR A CD2  1 
ATOM 280 C CE1  . TYR A 1 20 ? 0.192  1.296   -4.429  1.00 0.00 ? 20 TYR A CE1  1 
ATOM 281 C CE2  . TYR A 1 20 ? -2.083 0.592   -4.357  1.00 0.00 ? 20 TYR A CE2  1 
ATOM 282 C CZ   . TYR A 1 20 ? -1.128 1.545   -4.153  1.00 0.00 ? 20 TYR A CZ   1 
ATOM 283 O OH   . TYR A 1 20 ? -1.528 2.795   -3.729  1.00 0.00 ? 20 TYR A OH   1 
ATOM 284 H H    . TYR A 1 20 ? 0.779  -4.413  -5.767  1.00 0.00 ? 20 TYR A H    1 
ATOM 285 H HA   . TYR A 1 20 ? 1.693  -2.332  -4.287  1.00 0.00 ? 20 TYR A HA   1 
ATOM 286 H HB2  . TYR A 1 20 ? 0.873  -2.018  -6.467  1.00 0.00 ? 20 TYR A HB2  1 
ATOM 287 H HB3  . TYR A 1 20 ? -0.688 -2.756  -6.082  1.00 0.00 ? 20 TYR A HB3  1 
ATOM 288 H HD1  . TYR A 1 20 ? 1.667  -0.180  -5.142  1.00 0.00 ? 20 TYR A HD1  1 
ATOM 289 H HD2  . TYR A 1 20 ? -2.458 -1.419  -4.964  1.00 0.00 ? 20 TYR A HD2  1 
ATOM 290 H HE1  . TYR A 1 20 ? 0.847  2.118   -4.223  1.00 0.00 ? 20 TYR A HE1  1 
ATOM 291 H HE2  . TYR A 1 20 ? -3.101 0.849   -4.093  1.00 0.00 ? 20 TYR A HE2  1 
ATOM 292 H HH   . TYR A 1 20 ? -0.906 3.198   -3.123  1.00 0.00 ? 20 TYR A HH   1 
ATOM 293 N N    . ALA A 1 21 ? -1.255 -3.355  -3.324  1.00 0.00 ? 21 ALA A N    1 
ATOM 294 C CA   . ALA A 1 21 ? -2.182 -3.297  -2.178  1.00 0.00 ? 21 ALA A CA   1 
ATOM 295 C C    . ALA A 1 21 ? -1.389 -3.657  -0.924  1.00 0.00 ? 21 ALA A C    1 
ATOM 296 O O    . ALA A 1 21 ? -1.515 -3.012  0.092   1.00 0.00 ? 21 ALA A O    1 
ATOM 297 C CB   . ALA A 1 21 ? -3.317 -4.271  -2.422  1.00 0.00 ? 21 ALA A CB   1 
ATOM 298 H H    . ALA A 1 21 ? -1.441 -3.911  -4.099  1.00 0.00 ? 21 ALA A H    1 
ATOM 299 H HA   . ALA A 1 21 ? -2.516 -2.279  -2.104  1.00 0.00 ? 21 ALA A HA   1 
ATOM 300 H HB1  . ALA A 1 21 ? -3.255 -4.674  -3.422  1.00 0.00 ? 21 ALA A HB1  1 
ATOM 301 H HB2  . ALA A 1 21 ? -3.267 -5.073  -1.704  1.00 0.00 ? 21 ALA A HB2  1 
ATOM 302 H HB3  . ALA A 1 21 ? -4.254 -3.742  -2.312  1.00 0.00 ? 21 ALA A HB3  1 
ATOM 303 N N    . ALA A 1 22 ? -0.586 -4.681  -1.031  1.00 0.00 ? 22 ALA A N    1 
ATOM 304 C CA   . ALA A 1 22 ? 0.239  -5.101  0.141   1.00 0.00 ? 22 ALA A CA   1 
ATOM 305 C C    . ALA A 1 22 ? 1.083  -3.918  0.639   1.00 0.00 ? 22 ALA A C    1 
ATOM 306 O O    . ALA A 1 22 ? 1.295  -3.732  1.822   1.00 0.00 ? 22 ALA A O    1 
ATOM 307 C CB   . ALA A 1 22 ? 1.144  -6.283  -0.259  1.00 0.00 ? 22 ALA A CB   1 
ATOM 308 H H    . ALA A 1 22 ? -0.548 -5.146  -1.885  1.00 0.00 ? 22 ALA A H    1 
ATOM 309 H HA   . ALA A 1 22 ? -0.449 -5.399  0.915   1.00 0.00 ? 22 ALA A HA   1 
ATOM 310 H HB1  . ALA A 1 22 ? 1.689  -6.082  -1.166  1.00 0.00 ? 22 ALA A HB1  1 
ATOM 311 H HB2  . ALA A 1 22 ? 1.856  -6.462  0.534   1.00 0.00 ? 22 ALA A HB2  1 
ATOM 312 H HB3  . ALA A 1 22 ? 0.544  -7.171  -0.405  1.00 0.00 ? 22 ALA A HB3  1 
ATOM 313 N N    . GLU A 1 23 ? 1.567  -3.128  -0.273  1.00 0.00 ? 23 GLU A N    1 
ATOM 314 C CA   . GLU A 1 23 ? 2.380  -1.970  0.174   1.00 0.00 ? 23 GLU A CA   1 
ATOM 315 C C    . GLU A 1 23 ? 1.577  -1.017  0.968   1.00 0.00 ? 23 GLU A C    1 
ATOM 316 O O    . GLU A 1 23 ? 2.079  -0.570  1.985   1.00 0.00 ? 23 GLU A O    1 
ATOM 317 C CB   . GLU A 1 23 ? 2.931  -1.260  -1.009  1.00 0.00 ? 23 GLU A CB   1 
ATOM 318 C CG   . GLU A 1 23 ? 3.803  -2.306  -1.680  1.00 0.00 ? 23 GLU A CG   1 
ATOM 319 C CD   . GLU A 1 23 ? 5.228  -1.823  -1.833  1.00 0.00 ? 23 GLU A CD   1 
ATOM 320 O OE1  . GLU A 1 23 ? 5.758  -1.189  -0.928  1.00 0.00 ? 23 GLU A OE1  1 
ATOM 321 O OE2  . GLU A 1 23 ? 5.698  -2.158  -2.903  1.00 0.00 ? 23 GLU A OE2  1 
ATOM 322 H H    . GLU A 1 23 ? 1.411  -3.304  -1.221  1.00 0.00 ? 23 GLU A H    1 
ATOM 323 H HA   . GLU A 1 23 ? 3.122  -2.338  0.865   1.00 0.00 ? 23 GLU A HA   1 
ATOM 324 H HB2  . GLU A 1 23 ? 2.140  -0.980  -1.685  1.00 0.00 ? 23 GLU A HB2  1 
ATOM 325 H HB3  . GLU A 1 23 ? 3.443  -0.353  -0.712  1.00 0.00 ? 23 GLU A HB3  1 
ATOM 326 H HG2  . GLU A 1 23 ? 3.828  -3.263  -1.167  1.00 0.00 ? 23 GLU A HG2  1 
ATOM 327 H HG3  . GLU A 1 23 ? 3.391  -2.458  -2.666  1.00 0.00 ? 23 GLU A HG3  1 
ATOM 328 N N    . LEU A 1 24 ? 0.380  -0.699  0.547   1.00 0.00 ? 24 LEU A N    1 
ATOM 329 C CA   . LEU A 1 24 ? -0.233 0.260   1.495   1.00 0.00 ? 24 LEU A CA   1 
ATOM 330 C C    . LEU A 1 24 ? -0.693 -0.427  2.709   1.00 0.00 ? 24 LEU A C    1 
ATOM 331 O O    . LEU A 1 24 ? -0.739 0.135   3.774   1.00 0.00 ? 24 LEU A O    1 
ATOM 332 C CB   . LEU A 1 24 ? -1.438 0.973   1.093   1.00 0.00 ? 24 LEU A CB   1 
ATOM 333 C CG   . LEU A 1 24 ? -2.360 0.354   0.082   1.00 0.00 ? 24 LEU A CG   1 
ATOM 334 C CD1  . LEU A 1 24 ? -3.754 0.297   0.641   1.00 0.00 ? 24 LEU A CD1  1 
ATOM 335 C CD2  . LEU A 1 24 ? -2.326 1.278   -1.141  1.00 0.00 ? 24 LEU A CD2  1 
ATOM 336 H H    . LEU A 1 24 ? -0.010 -1.079  -0.273  1.00 0.00 ? 24 LEU A H    1 
ATOM 337 H HA   . LEU A 1 24 ? 0.481  1.033   1.700   1.00 0.00 ? 24 LEU A HA   1 
ATOM 338 H HB2  . LEU A 1 24 ? -2.007 1.133   2.002   1.00 0.00 ? 24 LEU A HB2  1 
ATOM 339 H HB3  . LEU A 1 24 ? -1.017 1.927   0.842   1.00 0.00 ? 24 LEU A HB3  1 
ATOM 340 H HG   . LEU A 1 24 ? -2.024 -0.620  -0.261  1.00 0.00 ? 24 LEU A HG   1 
ATOM 341 H HD11 . LEU A 1 24 ? -3.854 -0.221  1.592   1.00 0.00 ? 24 LEU A HD11 1 
ATOM 342 H HD12 . LEU A 1 24 ? -3.987 1.338   0.778   1.00 0.00 ? 24 LEU A HD12 1 
ATOM 343 H HD13 . LEU A 1 24 ? -4.404 -0.159  -0.091  1.00 0.00 ? 24 LEU A HD13 1 
ATOM 344 H HD21 . LEU A 1 24 ? -1.957 2.303   -1.122  1.00 0.00 ? 24 LEU A HD21 1 
ATOM 345 H HD22 . LEU A 1 24 ? -1.495 0.754   -1.541  1.00 0.00 ? 24 LEU A HD22 1 
ATOM 346 H HD23 . LEU A 1 24 ? -3.201 1.181   -1.774  1.00 0.00 ? 24 LEU A HD23 1 
ATOM 347 N N    . ARG A 1 25 ? -1.069 -1.634  2.571   1.00 0.00 ? 25 ARG A N    1 
ATOM 348 C CA   . ARG A 1 25 ? -1.511 -2.284  3.788   1.00 0.00 ? 25 ARG A CA   1 
ATOM 349 C C    . ARG A 1 25 ? -0.530 -2.124  4.943   1.00 0.00 ? 25 ARG A C    1 
ATOM 350 O O    . ARG A 1 25 ? -0.836 -1.999  6.113   1.00 0.00 ? 25 ARG A O    1 
ATOM 351 C CB   . ARG A 1 25 ? -1.599 -3.491  3.379   1.00 0.00 ? 25 ARG A CB   1 
ATOM 352 C CG   . ARG A 1 25 ? -2.188 -4.127  4.508   1.00 0.00 ? 25 ARG A CG   1 
ATOM 353 C CD   . ARG A 1 25 ? -2.052 -5.348  4.075   1.00 0.00 ? 25 ARG A CD   1 
ATOM 354 N NE   . ARG A 1 25 ? -2.493 -6.009  5.210   1.00 0.00 ? 25 ARG A NE   1 
ATOM 355 C CZ   . ARG A 1 25 ? -2.933 -7.108  4.874   1.00 0.00 ? 25 ARG A CZ   1 
ATOM 356 N NH1  . ARG A 1 25 ? -3.888 -6.581  5.645   1.00 0.00 ? 25 ARG A NH1  1 
ATOM 357 N NH2  . ARG A 1 25 ? -3.658 -8.137  4.757   1.00 0.00 ? 25 ARG A NH2  1 
ATOM 358 H H    . ARG A 1 25 ? -1.087 -2.130  1.722   1.00 0.00 ? 25 ARG A H    1 
ATOM 359 H HA   . ARG A 1 25 ? -2.432 -1.833  4.097   1.00 0.00 ? 25 ARG A HA   1 
ATOM 360 H HB2  . ARG A 1 25 ? -2.176 -3.535  2.466   1.00 0.00 ? 25 ARG A HB2  1 
ATOM 361 H HB3  . ARG A 1 25 ? -0.564 -3.757  3.174   1.00 0.00 ? 25 ARG A HB3  1 
ATOM 362 H HG2  . ARG A 1 25 ? -1.533 -4.145  5.385   1.00 0.00 ? 25 ARG A HG2  1 
ATOM 363 H HG3  . ARG A 1 25 ? -3.198 -3.835  4.788   1.00 0.00 ? 25 ARG A HG3  1 
ATOM 364 H HD2  . ARG A 1 25 ? -2.303 -5.699  3.068   1.00 0.00 ? 25 ARG A HD2  1 
ATOM 365 H HD3  . ARG A 1 25 ? -1.054 -5.599  4.173   1.00 0.00 ? 25 ARG A HD3  1 
ATOM 366 H HE   . ARG A 1 25 ? -2.432 -5.595  6.103   1.00 0.00 ? 25 ARG A HE   1 
ATOM 367 H HH11 . ARG A 1 25 ? -3.940 -5.635  6.020   1.00 0.00 ? 25 ARG A HH11 1 
ATOM 368 H HH12 . ARG A 1 25 ? -4.645 -7.138  5.900   1.00 0.00 ? 25 ARG A HH12 1 
ATOM 369 H HH21 . ARG A 1 25 ? -2.872 -8.274  4.134   1.00 0.00 ? 25 ARG A HH21 1 
ATOM 370 H HH22 . ARG A 1 25 ? -3.985 -9.018  4.455   1.00 0.00 ? 25 ARG A HH22 1 
ATOM 371 N N    . ARG A 1 26 ? 0.660  -2.152  4.505   1.00 0.00 ? 26 ARG A N    1 
ATOM 372 C CA   . ARG A 1 26 ? 1.723  -2.001  5.445   1.00 0.00 ? 26 ARG A CA   1 
ATOM 373 C C    . ARG A 1 26 ? 1.692  -0.611  5.931   1.00 0.00 ? 26 ARG A C    1 
ATOM 374 O O    . ARG A 1 26 ? 1.883  -0.334  7.095   1.00 0.00 ? 26 ARG A O    1 
ATOM 375 C CB   . ARG A 1 26 ? 2.779  -2.272  4.685   1.00 0.00 ? 26 ARG A CB   1 
ATOM 376 C CG   . ARG A 1 26 ? 3.930  -1.728  5.271   1.00 0.00 ? 26 ARG A CG   1 
ATOM 377 C CD   . ARG A 1 26 ? 4.802  -2.132  4.264   1.00 0.00 ? 26 ARG A CD   1 
ATOM 378 N NE   . ARG A 1 26 ? 5.919  -1.922  5.038   1.00 0.00 ? 26 ARG A NE   1 
ATOM 379 C CZ   . ARG A 1 26 ? 6.908  -1.853  4.268   1.00 0.00 ? 26 ARG A CZ   1 
ATOM 380 N NH1  . ARG A 1 26 ? 7.359  -2.574  5.291   1.00 0.00 ? 26 ARG A NH1  1 
ATOM 381 N NH2  . ARG A 1 26 ? 8.080  -1.990  3.785   1.00 0.00 ? 26 ARG A NH2  1 
ATOM 382 H H    . ARG A 1 26 ? 0.889  -2.284  3.557   1.00 0.00 ? 26 ARG A H    1 
ATOM 383 H HA   . ARG A 1 26 ? 1.642  -2.681  6.271   1.00 0.00 ? 26 ARG A HA   1 
ATOM 384 H HB2  . ARG A 1 26 ? 2.782  -3.347  4.691   1.00 0.00 ? 26 ARG A HB2  1 
ATOM 385 H HB3  . ARG A 1 26 ? 2.675  -1.900  3.675   1.00 0.00 ? 26 ARG A HB3  1 
ATOM 386 H HG2  . ARG A 1 26 ? 4.064  -0.645  5.300   1.00 0.00 ? 26 ARG A HG2  1 
ATOM 387 H HG3  . ARG A 1 26 ? 4.047  -2.124  6.277   1.00 0.00 ? 26 ARG A HG3  1 
ATOM 388 H HD2  . ARG A 1 26 ? 4.800  -3.156  3.895   1.00 0.00 ? 26 ARG A HD2  1 
ATOM 389 H HD3  . ARG A 1 26 ? 4.851  -1.425  3.436   1.00 0.00 ? 26 ARG A HD3  1 
ATOM 390 H HE   . ARG A 1 26 ? 5.840  -1.858  6.020   1.00 0.00 ? 26 ARG A HE   1 
ATOM 391 H HH11 . ARG A 1 26 ? 6.826  -2.878  6.101   1.00 0.00 ? 26 ARG A HH11 1 
ATOM 392 H HH12 . ARG A 1 26 ? 8.310  -2.825  5.347   1.00 0.00 ? 26 ARG A HH12 1 
ATOM 393 H HH21 . ARG A 1 26 ? 7.599  -1.575  2.999   1.00 0.00 ? 26 ARG A HH21 1 
ATOM 394 H HH22 . ARG A 1 26 ? 8.878  -1.990  3.208   1.00 0.00 ? 26 ARG A HH22 1 
ATOM 395 N N    . TYR A 1 27 ? 1.447  0.206   4.960   1.00 0.00 ? 27 TYR A N    1 
ATOM 396 C CA   . TYR A 1 27 ? 1.407  1.602   5.266   1.00 0.00 ? 27 TYR A CA   1 
ATOM 397 C C    . TYR A 1 27 ? 0.457  1.934   6.417   1.00 0.00 ? 27 TYR A C    1 
ATOM 398 O O    . TYR A 1 27 ? 0.838  2.463   7.439   1.00 0.00 ? 27 TYR A O    1 
ATOM 399 C CB   . TYR A 1 27 ? 1.042  2.358   3.899   1.00 0.00 ? 27 TYR A CB   1 
ATOM 400 C CG   . TYR A 1 27 ? 0.672  3.803   4.105   1.00 0.00 ? 27 TYR A CG   1 
ATOM 401 C CD1  . TYR A 1 27 ? 1.413  4.335   5.102   1.00 0.00 ? 27 TYR A CD1  1 
ATOM 402 C CD2  . TYR A 1 27 ? -0.320 4.593   3.434   1.00 0.00 ? 27 TYR A CD2  1 
ATOM 403 C CE1  . TYR A 1 27 ? 1.191  5.548   5.504   1.00 0.00 ? 27 TYR A CE1  1 
ATOM 404 C CE2  . TYR A 1 27 ? -0.498 5.921   3.874   1.00 0.00 ? 27 TYR A CE2  1 
ATOM 405 C CZ   . TYR A 1 27 ? 0.255  6.377   4.918   1.00 0.00 ? 27 TYR A CZ   1 
ATOM 406 O OH   . TYR A 1 27 ? 0.081  7.682   5.318   1.00 0.00 ? 27 TYR A OH   1 
ATOM 407 H H    . TYR A 1 27 ? 1.274  -0.096  4.042   1.00 0.00 ? 27 TYR A H    1 
ATOM 408 H HA   . TYR A 1 27 ? 2.420  1.739   5.577   1.00 0.00 ? 27 TYR A HA   1 
ATOM 409 H HB2  . TYR A 1 27 ? 1.762  2.176   3.106   1.00 0.00 ? 27 TYR A HB2  1 
ATOM 410 H HB3  . TYR A 1 27 ? 0.076  2.004   3.674   1.00 0.00 ? 27 TYR A HB3  1 
ATOM 411 H HD1  . TYR A 1 27 ? 2.189  3.818   5.654   1.00 0.00 ? 27 TYR A HD1  1 
ATOM 412 H HD2  . TYR A 1 27 ? -0.908 4.221   2.592   1.00 0.00 ? 27 TYR A HD2  1 
ATOM 413 H HE1  . TYR A 1 27 ? 1.890  5.777   6.291   1.00 0.00 ? 27 TYR A HE1  1 
ATOM 414 H HE2  . TYR A 1 27 ? -1.227 6.647   3.517   1.00 0.00 ? 27 TYR A HE2  1 
ATOM 415 H HH   . TYR A 1 27 ? 0.618  8.204   4.718   1.00 0.00 ? 27 TYR A HH   1 
ATOM 416 N N    . ILE A 1 28 ? -0.774 1.597   6.200   1.00 0.00 ? 28 ILE A N    1 
ATOM 417 C CA   . ILE A 1 28 ? -1.792 1.866   7.233   1.00 0.00 ? 28 ILE A CA   1 
ATOM 418 C C    . ILE A 1 28 ? -1.351 1.343   8.550   1.00 0.00 ? 28 ILE A C    1 
ATOM 419 O O    . ILE A 1 28 ? -1.379 2.020   9.550   1.00 0.00 ? 28 ILE A O    1 
ATOM 420 C CB   . ILE A 1 28 ? -3.107 1.247   6.811   1.00 0.00 ? 28 ILE A CB   1 
ATOM 421 C CG1  . ILE A 1 28 ? -3.871 2.081   5.747   1.00 0.00 ? 28 ILE A CG1  1 
ATOM 422 C CG2  . ILE A 1 28 ? -4.025 0.875   8.007   1.00 0.00 ? 28 ILE A CG2  1 
ATOM 423 C CD1  . ILE A 1 28 ? -3.169 2.183   4.425   1.00 0.00 ? 28 ILE A CD1  1 
ATOM 424 H H    . ILE A 1 28 ? -0.984 1.145   5.366   1.00 0.00 ? 28 ILE A H    1 
ATOM 425 H HA   . ILE A 1 28 ? -1.887 2.927   7.301   1.00 0.00 ? 28 ILE A HA   1 
ATOM 426 H HB   . ILE A 1 28 ? -2.803 0.298   6.392   1.00 0.00 ? 28 ILE A HB   1 
ATOM 427 H HG12 . ILE A 1 28 ? -4.853 1.710   5.520   1.00 0.00 ? 28 ILE A HG12 1 
ATOM 428 H HG13 . ILE A 1 28 ? -3.949 3.087   6.135   1.00 0.00 ? 28 ILE A HG13 1 
ATOM 429 H HG21 . ILE A 1 28 ? -3.922 1.558   8.840   1.00 0.00 ? 28 ILE A HG21 1 
ATOM 430 H HG22 . ILE A 1 28 ? -5.054 0.896   7.685   1.00 0.00 ? 28 ILE A HG22 1 
ATOM 431 H HG23 . ILE A 1 28 ? -3.778 -0.129  8.329   1.00 0.00 ? 28 ILE A HG23 1 
ATOM 432 H HD11 . ILE A 1 28 ? -2.656 1.263   4.217   1.00 0.00 ? 28 ILE A HD11 1 
ATOM 433 H HD12 . ILE A 1 28 ? -3.974 2.280   3.709   1.00 0.00 ? 28 ILE A HD12 1 
ATOM 434 H HD13 . ILE A 1 28 ? -2.490 3.024   4.361   1.00 0.00 ? 28 ILE A HD13 1 
ATOM 435 N N    . ASN A 1 29 ? -0.940 0.125   8.471   1.00 0.00 ? 29 ASN A N    1 
ATOM 436 C CA   . ASN A 1 29 ? -0.474 -0.569  9.670   1.00 0.00 ? 29 ASN A CA   1 
ATOM 437 C C    . ASN A 1 29 ? 0.402  0.291   10.515  1.00 0.00 ? 29 ASN A C    1 
ATOM 438 O O    . ASN A 1 29 ? 0.296  0.419   11.717  1.00 0.00 ? 29 ASN A O    1 
ATOM 439 C CB   . ASN A 1 29 ? 0.297  -1.682  9.251   1.00 0.00 ? 29 ASN A CB   1 
ATOM 440 C CG   . ASN A 1 29 ? 0.269  -2.674  10.347  1.00 0.00 ? 29 ASN A CG   1 
ATOM 441 O OD1  . ASN A 1 29 ? 0.073  -2.396  11.518  1.00 0.00 ? 29 ASN A OD1  1 
ATOM 442 N ND2  . ASN A 1 29 ? 0.480  -3.870  9.911   1.00 0.00 ? 29 ASN A ND2  1 
ATOM 443 H H    . ASN A 1 29 ? -0.928 -0.351  7.615   1.00 0.00 ? 29 ASN A H    1 
ATOM 444 H HA   . ASN A 1 29 ? -1.340 -0.848  10.241  1.00 0.00 ? 29 ASN A HA   1 
ATOM 445 H HB2  . ASN A 1 29 ? -0.170 -2.102  8.380   1.00 0.00 ? 29 ASN A HB2  1 
ATOM 446 H HB3  . ASN A 1 29 ? 1.330  -1.432  9.031   1.00 0.00 ? 29 ASN A HB3  1 
ATOM 447 H HD21 . ASN A 1 29 ? 0.641  -3.974  8.947   1.00 0.00 ? 29 ASN A HD21 1 
ATOM 448 H HD22 . ASN A 1 29 ? 0.477  -4.636  10.509  1.00 0.00 ? 29 ASN A HD22 1 
ATOM 449 N N    . MET A 1 30 ? 1.271  0.847   9.756   1.00 0.00 ? 30 MET A N    1 
ATOM 450 C CA   . MET A 1 30 ? 2.240  1.719   10.325  1.00 0.00 ? 30 MET A CA   1 
ATOM 451 C C    . MET A 1 30 ? 1.643  2.959   10.985  1.00 0.00 ? 30 MET A C    1 
ATOM 452 O O    . MET A 1 30 ? 1.944  3.270   12.112  1.00 0.00 ? 30 MET A O    1 
ATOM 453 C CB   . MET A 1 30 ? 3.107  2.060   9.204   1.00 0.00 ? 30 MET A CB   1 
ATOM 454 C CG   . MET A 1 30 ? 4.274  2.650   9.764   1.00 0.00 ? 30 MET A CG   1 
ATOM 455 S SD   . MET A 1 30 ? 5.847  2.672   8.922   1.00 0.00 ? 30 MET A SD   1 
ATOM 456 C CE   . MET A 1 30 ? 6.568  2.168   10.484  1.00 0.00 ? 30 MET A CE   1 
ATOM 457 H H    . MET A 1 30 ? 1.301  0.677   8.791   1.00 0.00 ? 30 MET A H    1 
ATOM 458 H HA   . MET A 1 30 ? 2.697  1.122   11.105  1.00 0.00 ? 30 MET A HA   1 
ATOM 459 H HB2  . MET A 1 30 ? 3.268  1.311   8.446   1.00 0.00 ? 30 MET A HB2  1 
ATOM 460 H HB3  . MET A 1 30 ? 2.599  2.883   8.725   1.00 0.00 ? 30 MET A HB3  1 
ATOM 461 H HG2  . MET A 1 30 ? 4.128  3.638   9.460   1.00 0.00 ? 30 MET A HG2  1 
ATOM 462 H HG3  . MET A 1 30 ? 4.268  2.741   10.847  1.00 0.00 ? 30 MET A HG3  1 
ATOM 463 H HE1  . MET A 1 30 ? 6.350  2.761   11.375  1.00 0.00 ? 30 MET A HE1  1 
ATOM 464 H HE2  . MET A 1 30 ? 6.336  1.116   10.609  1.00 0.00 ? 30 MET A HE2  1 
ATOM 465 H HE3  . MET A 1 30 ? 7.580  2.380   10.240  1.00 0.00 ? 30 MET A HE3  1 
ATOM 466 N N    . LEU A 1 31 ? 0.823  3.634   10.236  1.00 0.00 ? 31 LEU A N    1 
ATOM 467 C CA   . LEU A 1 31 ? 0.183  4.880   10.789  1.00 0.00 ? 31 LEU A CA   1 
ATOM 468 C C    . LEU A 1 31 ? -0.838 4.764   11.920  1.00 0.00 ? 31 LEU A C    1 
ATOM 469 O O    . LEU A 1 31 ? -0.856 5.593   12.810  1.00 0.00 ? 31 LEU A O    1 
ATOM 470 C CB   . LEU A 1 31 ? -0.702 5.627   9.976   1.00 0.00 ? 31 LEU A CB   1 
ATOM 471 C CG   . LEU A 1 31 ? -0.608 5.646   8.595   1.00 0.00 ? 31 LEU A CG   1 
ATOM 472 C CD1  . LEU A 1 31 ? -2.000 6.199   8.107   1.00 0.00 ? 31 LEU A CD1  1 
ATOM 473 C CD2  . LEU A 1 31 ? 0.605  6.404   8.270   1.00 0.00 ? 31 LEU A CD2  1 
ATOM 474 H H    . LEU A 1 31 ? 0.679  3.292   9.331   1.00 0.00 ? 31 LEU A H    1 
ATOM 475 H HA   . LEU A 1 31 ? 1.011  5.473   11.148  1.00 0.00 ? 31 LEU A HA   1 
ATOM 476 H HB2  . LEU A 1 31 ? -1.688 5.225   10.044  1.00 0.00 ? 31 LEU A HB2  1 
ATOM 477 H HB3  . LEU A 1 31 ? -0.636 6.626   10.405  1.00 0.00 ? 31 LEU A HB3  1 
ATOM 478 H HG   . LEU A 1 31 ? -0.518 4.599   8.302   1.00 0.00 ? 31 LEU A HG   1 
ATOM 479 H HD11 . LEU A 1 31 ? -2.370 6.953   8.797   1.00 0.00 ? 31 LEU A HD11 1 
ATOM 480 H HD12 . LEU A 1 31 ? -1.957 6.624   7.126   1.00 0.00 ? 31 LEU A HD12 1 
ATOM 481 H HD13 . LEU A 1 31 ? -2.709 5.372   8.086   1.00 0.00 ? 31 LEU A HD13 1 
ATOM 482 H HD21 . LEU A 1 31 ? 1.182  6.915   9.033   1.00 0.00 ? 31 LEU A HD21 1 
ATOM 483 H HD22 . LEU A 1 31 ? 1.152  5.506   8.057   1.00 0.00 ? 31 LEU A HD22 1 
ATOM 484 H HD23 . LEU A 1 31 ? 0.432  7.051   7.431   1.00 0.00 ? 31 LEU A HD23 1 
ATOM 485 N N    . THR A 1 32 ? -1.693 3.775   11.715  1.00 0.00 ? 32 THR A N    1 
ATOM 486 C CA   . THR A 1 32 ? -2.784 3.332   12.623  1.00 0.00 ? 32 THR A CA   1 
ATOM 487 C C    . THR A 1 32 ? -1.827 2.782   13.476  1.00 0.00 ? 32 THR A C    1 
ATOM 488 O O    . THR A 1 32 ? -0.719 2.404   13.122  1.00 0.00 ? 32 THR A O    1 
ATOM 489 C CB   . THR A 1 32 ? -3.492 1.951   12.554  1.00 0.00 ? 32 THR A CB   1 
ATOM 490 O OG1  . THR A 1 32 ? -2.527 1.113   11.913  1.00 0.00 ? 32 THR A OG1  1 
ATOM 491 C CG2  . THR A 1 32 ? -4.390 2.072   11.536  1.00 0.00 ? 32 THR A CG2  1 
ATOM 492 H H    . THR A 1 32 ? -1.600 3.198   10.951  1.00 0.00 ? 32 THR A H    1 
ATOM 493 H HA   . THR A 1 32 ? -3.261 4.184   13.132  1.00 0.00 ? 32 THR A HA   1 
ATOM 494 H HB   . THR A 1 32 ? -3.777 1.462   13.557  1.00 0.00 ? 32 THR A HB   1 
ATOM 495 H HG1  . THR A 1 32 ? -1.801 1.698   11.666  1.00 0.00 ? 32 THR A HG1  1 
ATOM 496 H HG21 . THR A 1 32 ? -4.828 3.058   11.528  1.00 0.00 ? 32 THR A HG21 1 
ATOM 497 H HG22 . THR A 1 32 ? -4.883 1.300   10.996  1.00 0.00 ? 32 THR A HG22 1 
ATOM 498 H HG23 . THR A 1 32 ? -4.909 1.614   12.296  1.00 0.00 ? 32 THR A HG23 1 
ATOM 499 N N    . ARG A 1 33 ? -2.382 2.616   14.572  1.00 0.00 ? 33 ARG A N    1 
ATOM 500 C CA   . ARG A 1 33 ? -1.519 2.050   15.501  1.00 0.00 ? 33 ARG A CA   1 
ATOM 501 C C    . ARG A 1 33 ? -2.398 2.753   16.255  1.00 0.00 ? 33 ARG A C    1 
ATOM 502 O O    . ARG A 1 33 ? -2.600 3.976   16.499  1.00 0.00 ? 33 ARG A O    1 
ATOM 503 C CB   . ARG A 1 33 ? -0.617 2.648   16.234  1.00 0.00 ? 33 ARG A CB   1 
ATOM 504 C CG   . ARG A 1 33 ? 0.092  2.836   15.244  1.00 0.00 ? 33 ARG A CG   1 
ATOM 505 C CD   . ARG A 1 33 ? 1.032  3.776   14.982  1.00 0.00 ? 33 ARG A CD   1 
ATOM 506 N NE   . ARG A 1 33 ? 1.643  3.243   16.134  1.00 0.00 ? 33 ARG A NE   1 
ATOM 507 C CZ   . ARG A 1 33 ? 2.832  3.347   16.321  1.00 0.00 ? 33 ARG A CZ   1 
ATOM 508 N NH1  . ARG A 1 33 ? 3.939  3.370   16.855  1.00 0.00 ? 33 ARG A NH1  1 
ATOM 509 N NH2  . ARG A 1 33 ? 2.450  2.869   17.528  1.00 0.00 ? 33 ARG A NH2  1 
ATOM 510 H H    . ARG A 1 33 ? -3.373 2.756   14.744  1.00 0.00 ? 33 ARG A H    1 
ATOM 511 H HA   . ARG A 1 33 ? -1.372 1.016   15.156  1.00 0.00 ? 33 ARG A HA   1 
ATOM 512 H HB2  . ARG A 1 33 ? -0.536 3.143   17.212  1.00 0.00 ? 33 ARG A HB2  1 
ATOM 513 H HB3  . ARG A 1 33 ? -0.318 1.682   16.554  1.00 0.00 ? 33 ARG A HB3  1 
ATOM 514 H HG2  . ARG A 1 33 ? 0.666  1.959   14.802  1.00 0.00 ? 33 ARG A HG2  1 
ATOM 515 H HG3  . ARG A 1 33 ? -0.368 3.787   15.087  1.00 0.00 ? 33 ARG A HG3  1 
ATOM 516 H HD2  . ARG A 1 33 ? 1.385  3.398   14.049  1.00 0.00 ? 33 ARG A HD2  1 
ATOM 517 H HD3  . ARG A 1 33 ? 0.881  4.881   14.901  1.00 0.00 ? 33 ARG A HD3  1 
ATOM 518 H HE   . ARG A 1 33 ? 1.071  2.719   16.727  1.00 0.00 ? 33 ARG A HE   1 
ATOM 519 H HH11 . ARG A 1 33 ? 3.969  3.711   15.906  1.00 0.00 ? 33 ARG A HH11 1 
ATOM 520 H HH12 . ARG A 1 33 ? 4.910  3.466   16.897  1.00 0.00 ? 33 ARG A HH12 1 
ATOM 521 H HH21 . ARG A 1 33 ? 1.497  2.683   17.812  1.00 0.00 ? 33 ARG A HH21 1 
ATOM 522 H HH22 . ARG A 1 33 ? 3.058  2.674   18.278  1.00 0.00 ? 33 ARG A HH22 1 
ATOM 523 N N    . PRO A 1 34 ? -2.952 1.733   16.655  1.00 0.00 ? 34 PRO A N    1 
ATOM 524 C CA   . PRO A 1 34 ? -3.773 1.985   17.499  1.00 0.00 ? 34 PRO A CA   1 
ATOM 525 C C    . PRO A 1 34 ? -2.667 1.898   18.490  1.00 0.00 ? 34 PRO A C    1 
ATOM 526 O O    . PRO A 1 34 ? -1.495 1.489   18.589  1.00 0.00 ? 34 PRO A O    1 
ATOM 527 C CB   . PRO A 1 34 ? -4.468 0.950   17.656  1.00 0.00 ? 34 PRO A CB   1 
ATOM 528 C CG   . PRO A 1 34 ? -3.781 -0.187  17.172  1.00 0.00 ? 34 PRO A CG   1 
ATOM 529 C CD   . PRO A 1 34 ? -2.854 0.260   16.414  1.00 0.00 ? 34 PRO A CD   1 
ATOM 530 H HA   . PRO A 1 34 ? -4.347 2.953   17.343  1.00 0.00 ? 34 PRO A HA   1 
ATOM 531 H HB2  . PRO A 1 34 ? -4.238 0.445   18.590  1.00 0.00 ? 34 PRO A HB2  1 
ATOM 532 H HB3  . PRO A 1 34 ? -5.455 1.116   17.301  1.00 0.00 ? 34 PRO A HB3  1 
ATOM 533 H HG2  . PRO A 1 34 ? -3.328 -0.961  17.809  1.00 0.00 ? 34 PRO A HG2  1 
ATOM 534 H HG3  . PRO A 1 34 ? -4.599 -0.447  16.567  1.00 0.00 ? 34 PRO A HG3  1 
ATOM 535 H HD2  . PRO A 1 34 ? -1.920 -0.157  16.785  1.00 0.00 ? 34 PRO A HD2  1 
ATOM 536 H HD3  . PRO A 1 34 ? -3.119 0.069   15.402  1.00 0.00 ? 34 PRO A HD3  1 
ATOM 537 N N    . ARG A 1 35 ? -3.412 2.587   19.127  1.00 0.00 ? 35 ARG A N    1 
ATOM 538 C CA   . ARG A 1 35 ? -3.062 2.780   20.210  1.00 0.00 ? 35 ARG A CA   1 
ATOM 539 C C    . ARG A 1 35 ? -4.435 2.731   20.513  1.00 0.00 ? 35 ARG A C    1 
ATOM 540 O O    . ARG A 1 35 ? -5.395 3.434   20.048  1.00 0.00 ? 35 ARG A O    1 
ATOM 541 C CB   . ARG A 1 35 ? -2.271 4.001   20.130  1.00 0.00 ? 35 ARG A CB   1 
ATOM 542 C CG   . ARG A 1 35 ? -0.962 3.375   20.979  1.00 0.00 ? 35 ARG A CG   1 
ATOM 543 C CD   . ARG A 1 35 ? -0.836 3.945   22.448  1.00 0.00 ? 35 ARG A CD   1 
ATOM 544 N NE   . ARG A 1 35 ? -2.181 4.508   22.812  1.00 0.00 ? 35 ARG A NE   1 
ATOM 545 C CZ   . ARG A 1 35 ? -2.738 4.758   23.863  1.00 0.00 ? 35 ARG A CZ   1 
ATOM 546 N NH1  . ARG A 1 35 ? -3.213 4.654   24.979  1.00 0.00 ? 35 ARG A NH1  1 
ATOM 547 N NH2  . ARG A 1 35 ? -3.502 3.749   23.341  1.00 0.00 ? 35 ARG A NH2  1 
ATOM 548 H H    . ARG A 1 35 ? -4.197 3.090   18.826  1.00 0.00 ? 35 ARG A H    1 
ATOM 549 H HA   . ARG A 1 35 ? -2.554 1.849   20.538  1.00 0.00 ? 35 ARG A HA   1 
ATOM 550 H HB2  . ARG A 1 35 ? -2.059 4.492   19.205  1.00 0.00 ? 35 ARG A HB2  1 
ATOM 551 H HB3  . ARG A 1 35 ? -3.124 4.575   20.499  1.00 0.00 ? 35 ARG A HB3  1 
ATOM 552 H HG2  . ARG A 1 35 ? -1.812 3.627   21.301  1.00 0.00 ? 35 ARG A HG2  1 
ATOM 553 H HG3  . ARG A 1 35 ? -1.023 2.296   21.151  1.00 0.00 ? 35 ARG A HG3  1 
ATOM 554 H HD2  . ARG A 1 35 ? -1.343 2.999   22.799  1.00 0.00 ? 35 ARG A HD2  1 
ATOM 555 H HD3  . ARG A 1 35 ? -0.871 4.850   21.830  1.00 0.00 ? 35 ARG A HD3  1 
ATOM 556 H HE   . ARG A 1 35 ? -2.833 4.658   22.092  1.00 0.00 ? 35 ARG A HE   1 
ATOM 557 H HH11 . ARG A 1 35 ? -2.526 3.965   24.742  1.00 0.00 ? 35 ARG A HH11 1 
ATOM 558 H HH12 . ARG A 1 35 ? -3.200 4.181   25.868  1.00 0.00 ? 35 ARG A HH12 1 
ATOM 559 H HH21 . ARG A 1 35 ? -3.434 3.103   22.540  1.00 0.00 ? 35 ARG A HH21 1 
ATOM 560 H HH22 . ARG A 1 35 ? -4.257 3.447   23.885  1.00 0.00 ? 35 ARG A HH22 1 
ATOM 561 N N    . TYR A 1 36 ? -4.319 1.667   21.325  1.00 0.00 ? 36 TYR A N    1 
ATOM 562 C CA   . TYR A 1 36 ? -5.508 1.240   21.923  1.00 0.00 ? 36 TYR A CA   1 
ATOM 563 C C    . TYR A 1 36 ? -6.303 0.435   20.818  1.00 0.00 ? 36 TYR A C    1 
ATOM 564 O O    . TYR A 1 36 ? -7.247 -0.299  21.000  1.00 0.00 ? 36 TYR A O    1 
ATOM 565 C CB   . TYR A 1 36 ? -5.984 2.483   22.344  1.00 0.00 ? 36 TYR A CB   1 
ATOM 566 C CG   . TYR A 1 36 ? -6.939 2.155   23.596  1.00 0.00 ? 36 TYR A CG   1 
ATOM 567 C CD1  . TYR A 1 36 ? -8.545 2.187   23.431  1.00 0.00 ? 36 TYR A CD1  1 
ATOM 568 C CD2  . TYR A 1 36 ? -7.359 2.110   25.042  1.00 0.00 ? 36 TYR A CD2  1 
ATOM 569 C CE1  . TYR A 1 36 ? -8.271 2.123   24.745  1.00 0.00 ? 36 TYR A CE1  1 
ATOM 570 C CE2  . TYR A 1 36 ? -7.822 1.992   23.588  1.00 0.00 ? 36 TYR A CE2  1 
ATOM 571 C CZ   . TYR A 1 36 ? -6.629 2.148   24.551  1.00 0.00 ? 36 TYR A CZ   1 
ATOM 572 O OH   . TYR A 1 36 ? -5.151 2.061   24.977  1.00 0.00 ? 36 TYR A OH   1 
ATOM 573 O OXT  . TYR A 1 36 ? -5.941 0.615   19.707  1.00 0.00 ? 36 TYR A OXT  1 
ATOM 574 H H    . TYR A 1 36 ? -4.796 2.222   20.992  1.00 0.00 ? 36 TYR A H    1 
ATOM 575 H HA   . TYR A 1 36 ? -5.064 0.651   22.728  1.00 0.00 ? 36 TYR A HA   1 
ATOM 576 H HB2  . TYR A 1 36 ? -5.208 3.010   22.751  1.00 0.00 ? 36 TYR A HB2  1 
ATOM 577 H HB3  . TYR A 1 36 ? -6.570 3.124   21.687  1.00 0.00 ? 36 TYR A HB3  1 
ATOM 578 H HD1  . TYR A 1 36 ? -9.261 2.289   22.442  1.00 0.00 ? 36 TYR A HD1  1 
ATOM 579 H HD2  . TYR A 1 36 ? -7.164 1.624   26.219  1.00 0.00 ? 36 TYR A HD2  1 
ATOM 580 H HE1  . TYR A 1 36 ? -9.242 2.065   25.354  1.00 0.00 ? 36 TYR A HE1  1 
ATOM 581 H HE2  . TYR A 1 36 ? -7.742 0.744   22.668  1.00 0.00 ? 36 TYR A HE2  1 
ATOM 582 H HH   . TYR A 1 36 ? -4.402 2.351   24.437  1.00 0.00 ? 36 TYR A HH   1 
# 
